data_8RZ2
#
_entry.id   8RZ2
#
_cell.length_a   82.754
_cell.length_b   82.993
_cell.length_c   118.746
_cell.angle_alpha   90.000
_cell.angle_beta   90.000
_cell.angle_gamma   90.000
#
_symmetry.space_group_name_H-M   'P 21 21 21'
#
loop_
_entity.id
_entity.type
_entity.pdbx_description
1 polymer 'Reticulocyte binding protein 5'
2 polymer 'R5.034 heavy chain'
3 polymer 'R5.034 light chain'
4 water water
#
loop_
_entity_poly.entity_id
_entity_poly.type
_entity_poly.pdbx_seq_one_letter_code
_entity_poly.pdbx_strand_id
1 'polypeptide(L)'
;MIRIKKKLILTIIYIHLFILNRLSFENAIKKTKNQENNLTLLPIKSTEEEKDDIKNGKDIKKEIDNDKENIKTNNAKDHS
TYIKSYLNTNVNDGLKYLFIPSHNSFIKKYSVFNQINDGMLLNEKNDVKNNEDYKNVDYKNVNFLQYHFKELSNYNIANS
IDILQEKEGHLDFVIIPHYTFLDYYKHLSYNSIYHKSSTYGKYIAVDAFIKKINEAYDKVKSKCNDIKNDLIATIKKLEH
PYDINNKNDDSYRYDISEEIDDKSEETDDETEEVEDSIQDTDSNHTPSNKKKNDLMNRTFKKMMDEYNTKKKKLIKCIKN
HENDFNKICMDMKNYGTNLFEQLSCYNNNFCNTNGIRYHYDEYIHKLILSVKSKNLNKDLSDMTNILQQSELLLTNLNKK
MGSYIYIDTIKFIHKEMKHIFNRIEYHTKIINDKTKIIQDKIKLNIWRTFQKDELLKRILDMSNEYSLFITSDHLRQMLY
NTFYSKEKHLNNIFHHLIYVLQMKFNDVPIKMEYFQTYKKNKPLTQ
;
A
2 'polypeptide(L)'
;MGWSCIILFLVATATGVHSEVQLVESGGGLVQPGGSLRLSCAASGFTFNTYWMSWVRQAPGKGLEWVANIQQDGSEKDYL
NSVRGRFTISRDNAKKSLYLQMNSLRAEDTAVYYCARDNPASAVAFDVWGQGAMVTVSSASTKGPSVFPLAPSSKSTSGG
TAALGCLVKDYFPEPVTVSWNSGALTSGVHTFPAVLQSSGLYSLSSVVTVPSSSLGTQTYICNVNHKPSNTKVDKRVEPK
SCDKTHTCGKHHHHHH
;
B
3 'polypeptide(L)'
;MGWSCIILFLVATATGSWAQSALTQPPSVSEAPRRRVTIYCSGSSSNIGNNAVSWYQQLPGKSPKLLIYFDDLVTSGVSD
RFSGSKSGTSASLAISGLQSEDEADYYCAAWDDRLNGVVFGGGTKLTVLGQPKAAPSVTLFPPSSEELQANKATLVCLIS
DFYPGAVTVAWKADSSPVKAGVETTTPSKQSNNKYAASSYLSLTPEQWKSHRSYSCQVTHEGSTVEKTVAPTECS
;
C
#
# COMPACT_ATOMS: atom_id res chain seq x y z
N ALA A 158 -27.55 -10.70 -12.85
CA ALA A 158 -28.91 -10.15 -12.91
C ALA A 158 -29.92 -10.92 -12.05
N ASN A 159 -29.50 -12.04 -11.47
CA ASN A 159 -30.35 -12.89 -10.63
C ASN A 159 -30.29 -12.46 -9.16
N SER A 160 -29.20 -11.80 -8.77
CA SER A 160 -28.97 -11.33 -7.41
C SER A 160 -28.93 -9.80 -7.32
N ILE A 161 -29.66 -9.11 -8.21
CA ILE A 161 -29.75 -7.66 -8.25
C ILE A 161 -31.16 -7.23 -7.90
N ASP A 162 -31.33 -6.44 -6.85
CA ASP A 162 -32.63 -5.90 -6.49
C ASP A 162 -32.69 -4.42 -6.88
N ILE A 163 -33.87 -3.96 -7.34
CA ILE A 163 -34.07 -2.56 -7.72
C ILE A 163 -35.07 -1.89 -6.77
N LEU A 164 -34.69 -0.73 -6.23
CA LEU A 164 -35.55 -0.02 -5.32
C LEU A 164 -35.92 1.34 -5.87
N GLN A 165 -37.13 1.82 -5.53
CA GLN A 165 -37.65 3.12 -5.86
C GLN A 165 -38.43 3.57 -4.64
N GLU A 166 -37.70 3.96 -3.60
CA GLU A 166 -38.24 4.33 -2.30
C GLU A 166 -38.99 5.66 -2.30
N LYS A 167 -38.66 6.55 -3.21
CA LYS A 167 -39.30 7.86 -3.27
C LYS A 167 -39.47 8.24 -4.73
N GLU A 168 -40.54 9.00 -5.03
CA GLU A 168 -40.83 9.46 -6.39
C GLU A 168 -39.64 10.19 -7.01
N GLY A 169 -39.26 9.77 -8.21
CA GLY A 169 -38.13 10.34 -8.94
C GLY A 169 -36.77 9.79 -8.55
N HIS A 170 -36.74 8.75 -7.72
CA HIS A 170 -35.48 8.16 -7.29
C HIS A 170 -35.46 6.65 -7.56
N LEU A 171 -34.26 6.13 -7.91
CA LEU A 171 -34.02 4.72 -8.20
C LEU A 171 -32.62 4.32 -7.73
N ASP A 172 -32.51 3.17 -7.11
CA ASP A 172 -31.22 2.61 -6.71
C ASP A 172 -31.21 1.11 -6.99
N PHE A 173 -30.06 0.47 -6.79
CA PHE A 173 -29.94 -0.96 -6.95
C PHE A 173 -29.00 -1.55 -5.90
N VAL A 174 -29.20 -2.81 -5.58
CA VAL A 174 -28.37 -3.51 -4.64
C VAL A 174 -27.98 -4.85 -5.23
N ILE A 175 -26.67 -5.13 -5.28
CA ILE A 175 -26.14 -6.41 -5.69
C ILE A 175 -26.08 -7.14 -4.35
N ILE A 176 -27.06 -8.02 -4.13
CA ILE A 176 -27.28 -8.71 -2.86
C ILE A 176 -26.06 -9.45 -2.28
N PRO A 177 -25.31 -10.29 -3.03
CA PRO A 177 -24.16 -10.96 -2.41
C PRO A 177 -23.04 -10.02 -1.96
N HIS A 178 -22.86 -8.88 -2.64
CA HIS A 178 -21.86 -7.88 -2.23
C HIS A 178 -22.27 -7.20 -0.93
N TYR A 179 -23.54 -6.85 -0.77
CA TYR A 179 -24.01 -6.22 0.47
C TYR A 179 -23.76 -7.17 1.65
N THR A 180 -24.08 -8.44 1.46
CA THR A 180 -23.88 -9.49 2.46
C THR A 180 -22.40 -9.68 2.77
N PHE A 181 -21.57 -9.69 1.72
CA PHE A 181 -20.13 -9.85 1.80
C PHE A 181 -19.54 -8.69 2.58
N LEU A 182 -19.83 -7.45 2.19
CA LEU A 182 -19.32 -6.27 2.89
C LEU A 182 -19.76 -6.27 4.35
N ASP A 183 -21.05 -6.59 4.60
CA ASP A 183 -21.59 -6.61 5.95
C ASP A 183 -20.95 -7.66 6.83
N TYR A 184 -20.69 -8.84 6.28
CA TYR A 184 -20.04 -9.94 6.98
C TYR A 184 -18.66 -9.50 7.54
N TYR A 185 -17.82 -8.87 6.71
CA TYR A 185 -16.49 -8.45 7.14
C TYR A 185 -16.48 -7.25 8.08
N LYS A 186 -17.59 -6.51 8.17
CA LYS A 186 -17.76 -5.45 9.15
C LYS A 186 -17.96 -6.12 10.54
N HIS A 187 -18.83 -7.14 10.63
CA HIS A 187 -19.03 -7.85 11.90
C HIS A 187 -17.73 -8.55 12.36
N LEU A 188 -16.98 -9.09 11.40
CA LEU A 188 -15.74 -9.79 11.70
C LEU A 188 -14.69 -8.82 12.23
N SER A 189 -14.60 -7.65 11.62
CA SER A 189 -13.66 -6.62 12.05
C SER A 189 -13.98 -6.18 13.48
N TYR A 190 -15.26 -5.84 13.75
CA TYR A 190 -15.66 -5.38 15.07
C TYR A 190 -15.45 -6.47 16.11
N ASN A 191 -15.74 -7.74 15.76
CA ASN A 191 -15.48 -8.84 16.70
C ASN A 191 -13.99 -8.98 17.02
N SER A 192 -13.13 -8.69 16.04
CA SER A 192 -11.69 -8.79 16.19
C SER A 192 -11.12 -7.70 17.09
N ILE A 193 -11.75 -6.52 17.14
CA ILE A 193 -11.24 -5.43 17.98
C ILE A 193 -11.85 -5.39 19.36
N TYR A 194 -12.98 -6.07 19.59
CA TYR A 194 -13.60 -6.09 20.91
C TYR A 194 -13.22 -7.30 21.75
N HIS A 195 -12.41 -8.22 21.20
CA HIS A 195 -11.98 -9.40 21.96
C HIS A 195 -11.06 -8.98 23.12
N LYS A 196 -10.23 -7.96 22.90
CA LYS A 196 -9.36 -7.41 23.95
C LYS A 196 -9.86 -6.01 24.29
N SER A 197 -9.80 -5.64 25.57
CA SER A 197 -10.18 -4.30 25.98
C SER A 197 -9.22 -3.21 25.45
N SER A 198 -7.95 -3.58 25.18
CA SER A 198 -6.99 -2.58 24.69
C SER A 198 -7.16 -2.23 23.21
N THR A 199 -7.93 -3.04 22.46
CA THR A 199 -8.14 -2.75 21.05
C THR A 199 -9.51 -2.11 20.79
N TYR A 200 -10.25 -1.71 21.84
CA TYR A 200 -11.55 -1.07 21.69
C TYR A 200 -11.43 0.21 20.86
N GLY A 201 -10.45 1.05 21.22
CA GLY A 201 -10.16 2.31 20.56
C GLY A 201 -9.87 2.23 19.08
N LYS A 202 -9.60 1.03 18.56
CA LYS A 202 -9.40 0.86 17.13
C LYS A 202 -10.69 1.13 16.34
N TYR A 203 -11.87 1.20 17.01
CA TYR A 203 -13.14 1.37 16.32
C TYR A 203 -13.17 2.59 15.43
N ILE A 204 -12.52 3.70 15.82
CA ILE A 204 -12.44 4.88 14.97
C ILE A 204 -11.81 4.53 13.60
N ALA A 205 -10.69 3.81 13.61
CA ALA A 205 -10.03 3.40 12.38
C ALA A 205 -10.89 2.43 11.58
N VAL A 206 -11.61 1.54 12.28
CA VAL A 206 -12.45 0.58 11.60
C VAL A 206 -13.61 1.27 10.90
N ASP A 207 -14.29 2.17 11.61
CA ASP A 207 -15.39 2.96 11.06
C ASP A 207 -14.92 3.75 9.85
N ALA A 208 -13.75 4.39 9.96
CA ALA A 208 -13.21 5.21 8.88
C ALA A 208 -12.85 4.39 7.67
N PHE A 209 -12.34 3.15 7.87
CA PHE A 209 -12.01 2.30 6.73
C PHE A 209 -13.28 1.84 6.01
N ILE A 210 -14.30 1.43 6.78
CA ILE A 210 -15.57 0.98 6.22
C ILE A 210 -16.24 2.12 5.47
N LYS A 211 -16.19 3.33 6.00
CA LYS A 211 -16.74 4.50 5.31
C LYS A 211 -16.06 4.72 3.96
N LYS A 212 -14.70 4.60 3.91
CA LYS A 212 -13.93 4.73 2.67
C LYS A 212 -14.36 3.66 1.68
N ILE A 213 -14.55 2.41 2.14
CA ILE A 213 -14.99 1.33 1.26
C ILE A 213 -16.35 1.61 0.69
N ASN A 214 -17.28 2.06 1.52
CA ASN A 214 -18.63 2.36 1.08
C ASN A 214 -18.64 3.47 0.02
N GLU A 215 -17.86 4.55 0.23
CA GLU A 215 -17.76 5.62 -0.76
C GLU A 215 -17.15 5.10 -2.05
N ALA A 216 -16.13 4.23 -1.94
CA ALA A 216 -15.52 3.66 -3.13
C ALA A 216 -16.53 2.82 -3.90
N TYR A 217 -17.34 2.02 -3.18
CA TYR A 217 -18.39 1.20 -3.80
C TYR A 217 -19.45 2.07 -4.47
N ASP A 218 -19.91 3.12 -3.78
CA ASP A 218 -20.93 4.01 -4.33
C ASP A 218 -20.40 4.76 -5.56
N LYS A 219 -19.13 5.14 -5.58
CA LYS A 219 -18.54 5.83 -6.72
C LYS A 219 -18.56 4.94 -7.97
N VAL A 220 -18.35 3.63 -7.80
CA VAL A 220 -18.48 2.70 -8.92
C VAL A 220 -19.95 2.65 -9.37
N LYS A 221 -20.89 2.67 -8.42
CA LYS A 221 -22.32 2.65 -8.72
C LYS A 221 -22.71 3.87 -9.54
N SER A 222 -22.16 5.04 -9.17
CA SER A 222 -22.44 6.31 -9.85
C SER A 222 -22.07 6.31 -11.34
N LYS A 223 -21.21 5.36 -11.77
CA LYS A 223 -20.86 5.29 -13.18
C LYS A 223 -22.07 4.98 -14.05
N CYS A 224 -23.09 4.31 -13.49
CA CYS A 224 -24.29 3.98 -14.23
C CYS A 224 -25.40 5.01 -14.07
N ASN A 225 -25.10 6.20 -13.53
CA ASN A 225 -26.07 7.27 -13.29
C ASN A 225 -26.76 7.76 -14.55
N ASP A 226 -26.04 7.81 -15.68
CA ASP A 226 -26.64 8.29 -16.93
C ASP A 226 -27.67 7.33 -17.45
N ILE A 227 -27.34 6.04 -17.45
CA ILE A 227 -28.28 4.99 -17.83
C ILE A 227 -29.44 4.97 -16.82
N LYS A 228 -29.11 5.06 -15.52
CA LYS A 228 -30.10 5.07 -14.46
C LYS A 228 -31.16 6.14 -14.63
N ASN A 229 -30.75 7.41 -14.80
CA ASN A 229 -31.72 8.51 -14.93
C ASN A 229 -32.57 8.45 -16.19
N ASP A 230 -32.08 7.76 -17.23
CA ASP A 230 -32.82 7.52 -18.45
C ASP A 230 -33.99 6.59 -18.11
N LEU A 231 -33.71 5.50 -17.36
CA LEU A 231 -34.76 4.60 -16.90
C LEU A 231 -35.77 5.33 -16.01
N ILE A 232 -35.26 6.17 -15.08
CA ILE A 232 -36.11 6.94 -14.18
C ILE A 232 -37.10 7.81 -14.94
N ALA A 233 -36.64 8.54 -15.95
CA ALA A 233 -37.51 9.38 -16.76
C ALA A 233 -38.51 8.56 -17.59
N THR A 234 -38.16 7.31 -17.95
CA THR A 234 -39.11 6.44 -18.66
C THR A 234 -40.22 6.01 -17.69
N ILE A 235 -39.85 5.66 -16.45
CA ILE A 235 -40.81 5.25 -15.42
C ILE A 235 -41.78 6.40 -15.15
N LYS A 236 -41.28 7.65 -15.10
CA LYS A 236 -42.15 8.80 -14.87
C LYS A 236 -43.20 8.92 -15.97
N LYS A 237 -42.79 8.76 -17.23
CA LYS A 237 -43.71 8.84 -18.37
C LYS A 237 -44.75 7.70 -18.34
N LEU A 238 -44.31 6.50 -17.97
CA LEU A 238 -45.18 5.34 -17.92
C LEU A 238 -46.18 5.42 -16.75
N GLU A 239 -45.79 6.05 -15.64
CA GLU A 239 -46.62 6.14 -14.46
C GLU A 239 -47.42 7.42 -14.33
N HIS A 240 -47.26 8.36 -15.26
CA HIS A 240 -48.00 9.61 -15.22
C HIS A 240 -48.80 9.83 -16.50
N PRO A 241 -49.94 9.14 -16.65
CA PRO A 241 -50.77 9.32 -17.85
C PRO A 241 -51.55 10.63 -17.82
N THR A 299 -49.92 3.20 -27.88
CA THR A 299 -48.65 3.78 -27.45
C THR A 299 -48.02 3.06 -26.25
N PHE A 300 -48.78 2.19 -25.56
CA PHE A 300 -48.27 1.51 -24.38
C PHE A 300 -47.22 0.46 -24.70
N LYS A 301 -47.37 -0.29 -25.79
CA LYS A 301 -46.37 -1.28 -26.19
C LYS A 301 -45.01 -0.62 -26.44
N LYS A 302 -44.99 0.54 -27.11
CA LYS A 302 -43.74 1.27 -27.38
C LYS A 302 -43.12 1.80 -26.11
N MET A 303 -43.95 2.26 -25.17
CA MET A 303 -43.49 2.81 -23.90
C MET A 303 -42.95 1.74 -22.98
N MET A 304 -43.57 0.56 -22.97
CA MET A 304 -43.15 -0.58 -22.18
C MET A 304 -41.89 -1.19 -22.80
N ASP A 305 -41.81 -1.26 -24.14
CA ASP A 305 -40.62 -1.80 -24.80
C ASP A 305 -39.42 -0.93 -24.52
N GLU A 306 -39.61 0.39 -24.39
CA GLU A 306 -38.52 1.27 -24.01
C GLU A 306 -38.16 1.12 -22.52
N TYR A 307 -39.11 0.66 -21.69
CA TYR A 307 -38.86 0.41 -20.27
C TYR A 307 -38.00 -0.83 -20.11
N ASN A 308 -38.32 -1.92 -20.83
CA ASN A 308 -37.55 -3.15 -20.72
C ASN A 308 -36.13 -2.97 -21.24
N THR A 309 -35.96 -2.29 -22.38
CA THR A 309 -34.63 -2.07 -22.93
C THR A 309 -33.79 -1.19 -22.01
N LYS A 310 -34.37 -0.12 -21.46
CA LYS A 310 -33.63 0.76 -20.56
C LYS A 310 -33.26 0.05 -19.26
N LYS A 311 -34.13 -0.85 -18.79
CA LYS A 311 -33.86 -1.66 -17.62
C LYS A 311 -32.72 -2.62 -17.92
N LYS A 312 -32.69 -3.18 -19.13
CA LYS A 312 -31.65 -4.08 -19.60
C LYS A 312 -30.30 -3.36 -19.63
N LYS A 313 -30.26 -2.09 -20.10
CA LYS A 313 -29.02 -1.32 -20.11
C LYS A 313 -28.51 -1.09 -18.70
N LEU A 314 -29.41 -0.84 -17.75
CA LEU A 314 -29.01 -0.63 -16.36
C LEU A 314 -28.32 -1.89 -15.81
N ILE A 315 -28.93 -3.06 -16.01
CA ILE A 315 -28.34 -4.30 -15.54
C ILE A 315 -27.01 -4.60 -16.26
N LYS A 316 -26.90 -4.31 -17.57
CA LYS A 316 -25.64 -4.52 -18.26
C LYS A 316 -24.58 -3.57 -17.75
N CYS A 317 -24.97 -2.31 -17.42
CA CYS A 317 -24.01 -1.36 -16.86
C CYS A 317 -23.48 -1.88 -15.53
N ILE A 318 -24.37 -2.39 -14.67
CA ILE A 318 -23.98 -2.93 -13.38
C ILE A 318 -23.00 -4.10 -13.56
N LYS A 319 -23.31 -5.03 -14.46
CA LYS A 319 -22.45 -6.18 -14.72
C LYS A 319 -21.10 -5.82 -15.33
N ASN A 320 -21.05 -4.72 -16.08
CA ASN A 320 -19.79 -4.25 -16.67
C ASN A 320 -18.86 -3.59 -15.63
N HIS A 321 -19.29 -3.47 -14.37
CA HIS A 321 -18.47 -2.94 -13.29
C HIS A 321 -18.25 -3.94 -12.16
N GLU A 322 -18.59 -5.23 -12.38
CA GLU A 322 -18.43 -6.31 -11.42
C GLU A 322 -17.01 -6.37 -10.90
N ASN A 323 -16.02 -6.22 -11.79
CA ASN A 323 -14.61 -6.25 -11.42
C ASN A 323 -14.23 -5.12 -10.51
N ASP A 324 -14.76 -3.93 -10.76
CA ASP A 324 -14.54 -2.80 -9.86
C ASP A 324 -15.19 -3.10 -8.51
N PHE A 325 -16.43 -3.64 -8.53
CA PHE A 325 -17.14 -4.02 -7.32
C PHE A 325 -16.40 -5.09 -6.52
N ASN A 326 -15.89 -6.12 -7.21
CA ASN A 326 -15.16 -7.21 -6.57
C ASN A 326 -13.86 -6.71 -5.96
N LYS A 327 -13.18 -5.76 -6.61
CA LYS A 327 -11.94 -5.20 -6.10
C LYS A 327 -12.14 -4.58 -4.72
N ILE A 328 -13.18 -3.78 -4.59
CA ILE A 328 -13.52 -3.13 -3.33
C ILE A 328 -13.96 -4.17 -2.29
N CYS A 329 -14.64 -5.23 -2.71
CA CYS A 329 -15.08 -6.28 -1.82
C CYS A 329 -13.90 -7.06 -1.25
N MET A 330 -12.92 -7.38 -2.11
CA MET A 330 -11.71 -8.07 -1.70
C MET A 330 -10.89 -7.25 -0.70
N ASP A 331 -10.90 -5.92 -0.83
CA ASP A 331 -10.22 -5.05 0.11
C ASP A 331 -10.85 -5.15 1.49
N MET A 332 -12.19 -5.16 1.56
CA MET A 332 -12.90 -5.28 2.82
C MET A 332 -12.61 -6.64 3.45
N LYS A 333 -12.64 -7.70 2.65
CA LYS A 333 -12.32 -9.04 3.13
C LYS A 333 -10.91 -9.10 3.71
N ASN A 334 -9.92 -8.54 2.99
CA ASN A 334 -8.53 -8.58 3.42
C ASN A 334 -8.31 -7.80 4.71
N TYR A 335 -8.87 -6.60 4.81
CA TYR A 335 -8.80 -5.82 6.04
C TYR A 335 -9.45 -6.59 7.24
N GLY A 336 -10.66 -7.12 7.04
CA GLY A 336 -11.34 -7.87 8.09
C GLY A 336 -10.59 -9.11 8.51
N THR A 337 -10.02 -9.84 7.54
CA THR A 337 -9.23 -11.04 7.80
C THR A 337 -7.94 -10.71 8.52
N ASN A 338 -7.31 -9.58 8.18
CA ASN A 338 -6.09 -9.14 8.85
C ASN A 338 -6.37 -8.81 10.29
N LEU A 339 -7.53 -8.20 10.58
CA LEU A 339 -7.92 -7.94 11.94
C LEU A 339 -8.22 -9.27 12.64
N PHE A 340 -8.92 -10.16 11.96
CA PHE A 340 -9.29 -11.46 12.48
C PHE A 340 -8.09 -12.31 12.88
N GLU A 341 -7.03 -12.24 12.08
CA GLU A 341 -5.80 -13.00 12.28
C GLU A 341 -4.99 -12.54 13.48
N GLN A 342 -5.17 -11.28 13.91
CA GLN A 342 -4.46 -10.75 15.07
C GLN A 342 -5.14 -11.09 16.39
N LEU A 343 -6.33 -11.71 16.39
CA LEU A 343 -7.05 -12.05 17.61
C LEU A 343 -6.26 -13.03 18.49
N SER A 344 -6.01 -12.66 19.74
CA SER A 344 -5.22 -13.47 20.65
C SER A 344 -5.88 -13.72 21.99
N CYS A 345 -5.47 -14.80 22.66
CA CYS A 345 -6.05 -15.17 23.94
C CYS A 345 -4.99 -15.30 25.01
N TYR A 346 -5.42 -15.24 26.26
CA TYR A 346 -4.55 -15.47 27.40
C TYR A 346 -4.01 -16.93 27.35
N ASN A 347 -4.88 -17.87 26.94
CA ASN A 347 -4.62 -19.29 26.75
C ASN A 347 -5.62 -19.79 25.70
N ASN A 348 -5.11 -20.40 24.64
CA ASN A 348 -5.88 -20.94 23.52
C ASN A 348 -6.88 -22.04 23.90
N ASN A 349 -6.78 -22.60 25.10
CA ASN A 349 -7.75 -23.61 25.55
C ASN A 349 -9.02 -22.99 26.15
N PHE A 350 -9.03 -21.67 26.39
CA PHE A 350 -10.19 -21.01 26.96
C PHE A 350 -10.22 -19.53 26.61
N CYS A 351 -10.30 -19.21 25.31
CA CYS A 351 -10.41 -17.84 24.83
C CYS A 351 -11.69 -17.20 25.37
N ASN A 352 -11.62 -15.91 25.64
CA ASN A 352 -12.79 -15.16 26.10
C ASN A 352 -13.77 -14.91 24.93
N THR A 353 -15.04 -14.59 25.25
CA THR A 353 -16.07 -14.28 24.25
C THR A 353 -16.68 -12.88 24.44
N ASN A 354 -15.94 -11.98 25.10
CA ASN A 354 -16.34 -10.60 25.35
C ASN A 354 -16.58 -9.84 24.04
N GLY A 355 -15.80 -10.13 23.02
CA GLY A 355 -15.98 -9.49 21.72
C GLY A 355 -17.32 -9.84 21.10
N ILE A 356 -17.72 -11.11 21.23
CA ILE A 356 -18.99 -11.58 20.70
C ILE A 356 -20.13 -10.93 21.48
N ARG A 357 -20.00 -10.87 22.80
CA ARG A 357 -21.04 -10.28 23.65
C ARG A 357 -21.21 -8.78 23.38
N TYR A 358 -20.11 -8.04 23.42
CA TYR A 358 -20.13 -6.61 23.24
C TYR A 358 -20.62 -6.21 21.88
N HIS A 359 -20.11 -6.87 20.83
CA HIS A 359 -20.54 -6.55 19.47
C HIS A 359 -22.02 -6.81 19.29
N TYR A 360 -22.55 -7.88 19.91
CA TYR A 360 -23.96 -8.18 19.79
C TYR A 360 -24.77 -7.12 20.50
N ASP A 361 -24.46 -6.84 21.76
CA ASP A 361 -25.21 -5.86 22.53
C ASP A 361 -25.25 -4.49 21.88
N GLU A 362 -24.13 -4.05 21.30
CA GLU A 362 -24.00 -2.71 20.78
C GLU A 362 -24.33 -2.50 19.32
N TYR A 363 -24.35 -3.58 18.53
CA TYR A 363 -24.56 -3.44 17.10
C TYR A 363 -25.75 -4.22 16.57
N ILE A 364 -26.09 -5.33 17.22
CA ILE A 364 -27.10 -6.23 16.71
C ILE A 364 -28.41 -6.19 17.47
N HIS A 365 -28.35 -6.24 18.80
CA HIS A 365 -29.54 -6.30 19.63
C HIS A 365 -30.64 -5.26 19.29
N LYS A 366 -30.26 -4.01 19.00
CA LYS A 366 -31.21 -2.97 18.62
C LYS A 366 -31.99 -3.36 17.37
N LEU A 367 -31.33 -4.01 16.41
CA LEU A 367 -31.94 -4.44 15.15
C LEU A 367 -32.90 -5.58 15.37
N ILE A 368 -32.54 -6.54 16.24
CA ILE A 368 -33.42 -7.66 16.57
C ILE A 368 -34.69 -7.12 17.25
N LEU A 369 -34.52 -6.17 18.20
CA LEU A 369 -35.67 -5.58 18.89
C LEU A 369 -36.51 -4.73 17.96
N SER A 370 -35.87 -4.02 17.02
CA SER A 370 -36.60 -3.21 16.03
C SER A 370 -37.45 -4.14 15.15
N VAL A 371 -36.92 -5.31 14.81
CA VAL A 371 -37.63 -6.31 14.01
C VAL A 371 -38.78 -6.91 14.85
N LYS A 372 -38.50 -7.36 16.07
CA LYS A 372 -39.51 -7.94 16.95
C LYS A 372 -40.65 -6.95 17.24
N SER A 373 -40.34 -5.64 17.29
CA SER A 373 -41.38 -4.63 17.51
C SER A 373 -42.30 -4.42 16.28
N LYS A 374 -42.06 -5.15 15.19
CA LYS A 374 -42.87 -5.04 13.99
C LYS A 374 -43.68 -6.31 13.74
N ASN A 375 -44.76 -6.19 12.97
CA ASN A 375 -45.54 -7.35 12.57
C ASN A 375 -45.31 -7.47 11.08
N LEU A 376 -44.21 -8.10 10.71
CA LEU A 376 -43.84 -8.26 9.31
C LEU A 376 -44.84 -9.10 8.55
N ASN A 377 -45.43 -10.12 9.20
CA ASN A 377 -46.44 -10.93 8.55
C ASN A 377 -47.72 -10.13 8.29
N LYS A 378 -48.07 -9.21 9.21
CA LYS A 378 -49.26 -8.37 9.00
C LYS A 378 -49.02 -7.38 7.87
N ASP A 379 -47.79 -6.86 7.72
CA ASP A 379 -47.46 -5.98 6.58
C ASP A 379 -47.74 -6.68 5.24
N LEU A 380 -47.51 -8.01 5.17
CA LEU A 380 -47.73 -8.79 3.96
C LEU A 380 -49.21 -8.95 3.68
N SER A 381 -50.01 -9.28 4.70
CA SER A 381 -51.45 -9.38 4.57
C SER A 381 -52.04 -8.04 4.14
N ASP A 382 -51.51 -6.94 4.68
CA ASP A 382 -51.94 -5.61 4.27
C ASP A 382 -51.63 -5.35 2.80
N MET A 383 -50.46 -5.80 2.33
CA MET A 383 -50.10 -5.65 0.91
C MET A 383 -50.90 -6.57 -0.01
N THR A 384 -51.15 -7.80 0.43
CA THR A 384 -51.94 -8.76 -0.35
C THR A 384 -53.37 -8.24 -0.50
N ASN A 385 -53.94 -7.70 0.58
CA ASN A 385 -55.29 -7.15 0.54
C ASN A 385 -55.34 -5.95 -0.38
N ILE A 386 -54.32 -5.09 -0.36
CA ILE A 386 -54.25 -3.97 -1.29
C ILE A 386 -54.18 -4.47 -2.73
N LEU A 387 -53.41 -5.54 -2.98
CA LEU A 387 -53.28 -6.09 -4.32
C LEU A 387 -54.57 -6.75 -4.81
N GLN A 388 -55.24 -7.46 -3.93
CA GLN A 388 -56.46 -8.15 -4.26
C GLN A 388 -57.60 -7.17 -4.51
N GLN A 389 -57.80 -6.20 -3.61
CA GLN A 389 -58.86 -5.20 -3.75
C GLN A 389 -58.67 -4.31 -4.97
N SER A 390 -57.43 -3.94 -5.28
CA SER A 390 -57.17 -3.11 -6.47
C SER A 390 -57.41 -3.93 -7.74
N GLU A 391 -57.14 -5.24 -7.71
CA GLU A 391 -57.37 -6.11 -8.85
C GLU A 391 -58.86 -6.25 -9.10
N LEU A 392 -59.65 -6.54 -8.04
CA LEU A 392 -61.10 -6.66 -8.15
C LEU A 392 -61.73 -5.35 -8.63
N LEU A 393 -61.10 -4.21 -8.35
CA LEU A 393 -61.54 -2.90 -8.82
C LEU A 393 -61.45 -2.86 -10.33
N LEU A 394 -60.29 -3.24 -10.91
CA LEU A 394 -60.05 -3.23 -12.34
C LEU A 394 -61.09 -4.07 -13.09
N THR A 395 -61.41 -5.25 -12.55
CA THR A 395 -62.33 -6.18 -13.18
C THR A 395 -63.78 -5.70 -13.16
N ASN A 396 -64.22 -4.98 -12.11
CA ASN A 396 -65.57 -4.42 -12.07
C ASN A 396 -65.63 -2.99 -12.65
N LEU A 397 -64.67 -2.64 -13.53
CA LEU A 397 -64.65 -1.32 -14.13
C LEU A 397 -65.54 -1.22 -15.36
N ASN A 398 -66.08 -0.03 -15.59
CA ASN A 398 -66.95 0.30 -16.73
C ASN A 398 -68.25 -0.51 -16.65
N TYR A 404 -58.03 1.55 -22.64
CA TYR A 404 -57.87 2.90 -22.11
C TYR A 404 -56.46 3.05 -21.56
N ILE A 405 -55.77 4.17 -21.88
CA ILE A 405 -54.41 4.46 -21.41
C ILE A 405 -54.29 4.36 -19.88
N TYR A 406 -55.34 4.71 -19.15
CA TYR A 406 -55.35 4.62 -17.70
C TYR A 406 -55.39 3.17 -17.21
N ILE A 407 -55.96 2.25 -18.00
CA ILE A 407 -56.05 0.85 -17.63
C ILE A 407 -54.75 0.10 -17.80
N ASP A 408 -54.10 0.28 -18.96
CA ASP A 408 -52.81 -0.36 -19.24
C ASP A 408 -51.76 0.09 -18.21
N THR A 409 -51.83 1.35 -17.79
CA THR A 409 -50.96 1.94 -16.77
C THR A 409 -51.20 1.22 -15.42
N ILE A 410 -52.45 1.12 -14.98
CA ILE A 410 -52.78 0.49 -13.72
C ILE A 410 -52.35 -0.98 -13.70
N LYS A 411 -52.47 -1.67 -14.83
CA LYS A 411 -52.05 -3.06 -14.92
C LYS A 411 -50.53 -3.21 -14.76
N PHE A 412 -49.76 -2.20 -15.22
CA PHE A 412 -48.31 -2.21 -15.13
C PHE A 412 -47.83 -1.98 -13.70
N ILE A 413 -48.29 -0.90 -13.06
CA ILE A 413 -47.93 -0.61 -11.67
C ILE A 413 -48.39 -1.75 -10.76
N HIS A 414 -49.55 -2.37 -11.04
CA HIS A 414 -50.01 -3.51 -10.25
C HIS A 414 -49.03 -4.69 -10.41
N LYS A 415 -48.57 -4.93 -11.65
CA LYS A 415 -47.59 -5.98 -11.92
C LYS A 415 -46.26 -5.66 -11.22
N GLU A 416 -45.87 -4.38 -11.21
CA GLU A 416 -44.65 -3.92 -10.53
C GLU A 416 -44.78 -4.20 -9.01
N MET A 417 -45.89 -3.73 -8.38
CA MET A 417 -46.18 -3.92 -6.97
C MET A 417 -46.25 -5.39 -6.60
N LYS A 418 -46.71 -6.24 -7.52
CA LYS A 418 -46.78 -7.68 -7.28
C LYS A 418 -45.37 -8.28 -7.24
N HIS A 419 -44.46 -7.88 -8.14
CA HIS A 419 -43.09 -8.41 -8.10
C HIS A 419 -42.42 -7.95 -6.81
N ILE A 420 -42.54 -6.64 -6.48
CA ILE A 420 -42.02 -6.06 -5.24
C ILE A 420 -42.54 -6.82 -4.03
N PHE A 421 -43.85 -7.15 -4.00
CA PHE A 421 -44.44 -7.91 -2.90
C PHE A 421 -43.78 -9.27 -2.76
N ASN A 422 -43.54 -9.98 -3.87
CA ASN A 422 -42.90 -11.30 -3.80
C ASN A 422 -41.47 -11.16 -3.24
N ARG A 423 -40.78 -10.05 -3.56
CA ARG A 423 -39.46 -9.78 -3.04
C ARG A 423 -39.56 -9.53 -1.54
N ILE A 424 -40.57 -8.76 -1.09
CA ILE A 424 -40.76 -8.48 0.33
C ILE A 424 -41.03 -9.77 1.10
N GLU A 425 -41.88 -10.64 0.53
CA GLU A 425 -42.19 -11.92 1.14
C GLU A 425 -40.94 -12.79 1.25
N TYR A 426 -40.08 -12.75 0.25
CA TYR A 426 -38.82 -13.50 0.23
C TYR A 426 -37.94 -13.11 1.43
N HIS A 427 -37.74 -11.80 1.62
CA HIS A 427 -36.90 -11.28 2.69
C HIS A 427 -37.51 -11.41 4.06
N THR A 428 -38.84 -11.32 4.16
CA THR A 428 -39.53 -11.43 5.44
C THR A 428 -39.29 -12.80 6.05
N LYS A 429 -39.40 -13.85 5.23
CA LYS A 429 -39.17 -15.23 5.66
C LYS A 429 -37.74 -15.38 6.19
N ILE A 430 -36.77 -14.78 5.50
CA ILE A 430 -35.37 -14.80 5.93
C ILE A 430 -35.24 -14.12 7.30
N ILE A 431 -35.73 -12.88 7.43
CA ILE A 431 -35.70 -12.12 8.67
C ILE A 431 -36.26 -12.93 9.84
N ASN A 432 -37.42 -13.57 9.65
CA ASN A 432 -38.06 -14.37 10.70
C ASN A 432 -37.22 -15.56 11.12
N ASP A 433 -36.63 -16.27 10.15
CA ASP A 433 -35.79 -17.41 10.45
C ASP A 433 -34.54 -16.96 11.20
N LYS A 434 -33.85 -15.95 10.65
CA LYS A 434 -32.62 -15.44 11.25
C LYS A 434 -32.85 -14.78 12.57
N THR A 435 -34.01 -14.14 12.79
CA THR A 435 -34.30 -13.53 14.09
C THR A 435 -34.26 -14.61 15.18
N LYS A 436 -34.93 -15.74 14.93
CA LYS A 436 -34.94 -16.84 15.88
C LYS A 436 -33.54 -17.46 15.98
N ILE A 437 -32.86 -17.67 14.84
CA ILE A 437 -31.53 -18.29 14.84
C ILE A 437 -30.51 -17.49 15.66
N ILE A 438 -30.40 -16.18 15.40
CA ILE A 438 -29.51 -15.29 16.12
C ILE A 438 -29.75 -15.35 17.63
N GLN A 439 -30.99 -15.12 18.09
CA GLN A 439 -31.32 -15.11 19.51
C GLN A 439 -30.97 -16.40 20.23
N ASP A 440 -31.01 -17.54 19.52
CA ASP A 440 -30.66 -18.82 20.13
C ASP A 440 -29.14 -19.05 20.16
N LYS A 441 -28.45 -18.70 19.06
CA LYS A 441 -27.01 -18.91 18.93
C LYS A 441 -26.20 -18.00 19.82
N ILE A 442 -26.56 -16.72 19.92
CA ILE A 442 -25.86 -15.77 20.79
C ILE A 442 -25.82 -16.27 22.24
N LYS A 443 -26.89 -16.93 22.69
CA LYS A 443 -26.93 -17.49 24.05
C LYS A 443 -25.86 -18.55 24.24
N LEU A 444 -25.54 -19.31 23.19
CA LEU A 444 -24.55 -20.37 23.30
C LEU A 444 -23.12 -19.89 23.14
N ASN A 445 -22.90 -18.62 22.76
CA ASN A 445 -21.58 -18.13 22.45
C ASN A 445 -21.01 -17.04 23.37
N ILE A 446 -21.70 -16.69 24.46
CA ILE A 446 -21.26 -15.64 25.38
C ILE A 446 -21.21 -16.15 26.83
N TRP A 447 -20.61 -15.36 27.77
CA TRP A 447 -20.46 -15.73 29.20
C TRP A 447 -19.92 -17.15 29.34
N ARG A 448 -19.00 -17.50 28.45
CA ARG A 448 -18.40 -18.81 28.34
C ARG A 448 -17.06 -18.67 27.60
N THR A 449 -16.21 -19.70 27.64
CA THR A 449 -14.95 -19.71 26.89
C THR A 449 -14.95 -20.85 25.88
N PHE A 450 -14.03 -20.78 24.90
CA PHE A 450 -13.90 -21.80 23.86
C PHE A 450 -12.43 -21.93 23.46
N GLN A 451 -12.02 -23.13 23.01
CA GLN A 451 -10.71 -23.32 22.40
C GLN A 451 -10.59 -22.39 21.17
N LYS A 452 -9.43 -21.79 20.91
CA LYS A 452 -9.27 -20.80 19.84
C LYS A 452 -9.90 -21.19 18.50
N ASP A 453 -9.71 -22.44 18.07
CA ASP A 453 -10.30 -22.91 16.83
C ASP A 453 -11.83 -22.78 16.87
N GLU A 454 -12.45 -23.23 17.97
CA GLU A 454 -13.87 -23.11 18.16
C GLU A 454 -14.35 -21.67 18.26
N LEU A 455 -13.58 -20.78 18.91
CA LEU A 455 -13.96 -19.38 19.03
C LEU A 455 -14.04 -18.72 17.65
N LEU A 456 -13.04 -18.93 16.81
CA LEU A 456 -13.02 -18.33 15.48
C LEU A 456 -14.16 -18.82 14.61
N LYS A 457 -14.51 -20.12 14.75
CA LYS A 457 -15.60 -20.74 14.05
C LYS A 457 -16.93 -20.09 14.45
N ARG A 458 -17.16 -19.88 15.76
CA ARG A 458 -18.40 -19.25 16.22
C ARG A 458 -18.49 -17.79 15.81
N ILE A 459 -17.37 -17.08 15.76
CA ILE A 459 -17.37 -15.69 15.32
C ILE A 459 -17.76 -15.63 13.85
N LEU A 460 -17.20 -16.56 13.04
CA LEU A 460 -17.50 -16.60 11.62
C LEU A 460 -18.97 -16.96 11.42
N ASP A 461 -19.49 -17.92 12.20
CA ASP A 461 -20.88 -18.33 12.14
C ASP A 461 -21.82 -17.18 12.52
N MET A 462 -21.50 -16.44 13.59
CA MET A 462 -22.34 -15.31 14.00
C MET A 462 -22.36 -14.25 12.93
N SER A 463 -21.20 -13.93 12.37
CA SER A 463 -21.10 -12.94 11.30
C SER A 463 -21.87 -13.34 10.04
N ASN A 464 -22.07 -14.64 9.82
CA ASN A 464 -22.80 -15.12 8.67
C ASN A 464 -24.27 -14.88 8.89
N GLU A 465 -24.78 -15.32 10.05
CA GLU A 465 -26.16 -15.12 10.46
C GLU A 465 -26.51 -13.64 10.47
N TYR A 466 -25.66 -12.81 11.10
CA TYR A 466 -25.86 -11.37 11.18
C TYR A 466 -26.03 -10.73 9.79
N SER A 467 -25.11 -11.03 8.85
CA SER A 467 -25.14 -10.43 7.52
C SER A 467 -26.32 -10.88 6.68
N LEU A 468 -26.76 -12.13 6.84
CA LEU A 468 -27.93 -12.65 6.14
C LEU A 468 -29.18 -11.96 6.68
N PHE A 469 -29.23 -11.77 8.00
CA PHE A 469 -30.34 -11.08 8.64
C PHE A 469 -30.40 -9.61 8.19
N ILE A 470 -29.26 -8.93 8.19
CA ILE A 470 -29.15 -7.51 7.89
C ILE A 470 -29.45 -7.19 6.43
N THR A 471 -29.09 -8.09 5.51
CA THR A 471 -29.36 -7.90 4.09
C THR A 471 -30.86 -7.92 3.81
N SER A 472 -31.57 -8.97 4.27
CA SER A 472 -33.02 -9.08 4.05
C SER A 472 -33.74 -7.98 4.81
N ASP A 473 -33.32 -7.65 6.02
CA ASP A 473 -33.91 -6.55 6.78
C ASP A 473 -33.76 -5.23 6.02
N HIS A 474 -32.56 -4.99 5.50
CA HIS A 474 -32.28 -3.78 4.74
C HIS A 474 -33.15 -3.72 3.46
N LEU A 475 -33.05 -4.75 2.63
CA LEU A 475 -33.82 -4.84 1.40
C LEU A 475 -35.32 -4.81 1.67
N ARG A 476 -35.80 -5.52 2.70
CA ARG A 476 -37.22 -5.51 3.08
C ARG A 476 -37.73 -4.09 3.29
N GLN A 477 -37.02 -3.30 4.08
CA GLN A 477 -37.42 -1.92 4.35
C GLN A 477 -37.48 -1.09 3.07
N MET A 478 -36.46 -1.24 2.21
CA MET A 478 -36.40 -0.50 0.96
C MET A 478 -37.50 -0.93 -0.01
N LEU A 479 -37.83 -2.21 0.00
CA LEU A 479 -38.87 -2.77 -0.85
C LEU A 479 -40.24 -2.34 -0.35
N TYR A 480 -40.43 -2.33 0.96
CA TYR A 480 -41.65 -1.87 1.61
C TYR A 480 -41.91 -0.40 1.20
N ASN A 481 -40.86 0.43 1.20
CA ASN A 481 -41.00 1.82 0.81
C ASN A 481 -41.33 1.94 -0.66
N THR A 482 -40.72 1.09 -1.50
CA THR A 482 -40.97 1.09 -2.94
C THR A 482 -42.42 0.74 -3.23
N PHE A 483 -42.94 -0.32 -2.56
CA PHE A 483 -44.32 -0.77 -2.72
C PHE A 483 -45.29 0.37 -2.45
N TYR A 484 -45.14 1.02 -1.30
CA TYR A 484 -46.05 2.09 -0.95
C TYR A 484 -45.82 3.34 -1.75
N SER A 485 -44.62 3.54 -2.32
CA SER A 485 -44.41 4.68 -3.23
C SER A 485 -45.23 4.44 -4.51
N LYS A 486 -45.29 3.18 -4.98
CA LYS A 486 -46.03 2.85 -6.18
C LYS A 486 -47.54 2.90 -5.95
N GLU A 487 -47.98 2.46 -4.76
CA GLU A 487 -49.40 2.46 -4.40
C GLU A 487 -50.03 3.84 -4.55
N LYS A 488 -49.28 4.91 -4.27
CA LYS A 488 -49.80 6.27 -4.40
C LYS A 488 -50.16 6.58 -5.84
N HIS A 489 -49.34 6.08 -6.79
CA HIS A 489 -49.59 6.25 -8.23
C HIS A 489 -50.81 5.44 -8.59
N LEU A 490 -50.88 4.17 -8.14
CA LEU A 490 -52.04 3.30 -8.36
C LEU A 490 -53.32 4.01 -7.90
N ASN A 491 -53.35 4.43 -6.64
CA ASN A 491 -54.48 5.12 -6.03
C ASN A 491 -54.84 6.40 -6.76
N ASN A 492 -53.83 7.18 -7.15
CA ASN A 492 -54.07 8.43 -7.88
C ASN A 492 -54.68 8.18 -9.25
N ILE A 493 -54.15 7.21 -10.01
CA ILE A 493 -54.69 6.90 -11.33
C ILE A 493 -56.10 6.30 -11.23
N PHE A 494 -56.41 5.59 -10.13
CA PHE A 494 -57.76 5.09 -9.91
C PHE A 494 -58.68 6.27 -9.65
N HIS A 495 -58.29 7.19 -8.74
CA HIS A 495 -59.11 8.38 -8.46
C HIS A 495 -59.28 9.26 -9.69
N HIS A 496 -58.35 9.21 -10.63
CA HIS A 496 -58.46 9.98 -11.86
C HIS A 496 -59.41 9.32 -12.84
N LEU A 497 -59.36 7.99 -12.96
CA LEU A 497 -60.25 7.26 -13.86
C LEU A 497 -61.72 7.38 -13.44
N ILE A 498 -61.99 7.69 -12.17
CA ILE A 498 -63.35 7.75 -11.66
C ILE A 498 -63.91 9.17 -11.54
N TYR A 499 -63.21 10.07 -10.85
CA TYR A 499 -63.73 11.41 -10.59
C TYR A 499 -63.51 12.43 -11.70
N VAL A 500 -62.51 12.23 -12.57
CA VAL A 500 -62.24 13.19 -13.63
C VAL A 500 -62.85 12.75 -14.97
N LEU A 501 -62.81 11.44 -15.25
CA LEU A 501 -63.30 10.92 -16.52
C LEU A 501 -64.74 10.43 -16.47
N GLU B 20 7.35 -11.19 9.60
CA GLU B 20 6.08 -11.89 9.37
C GLU B 20 5.68 -11.78 7.90
N VAL B 21 5.11 -10.64 7.46
CA VAL B 21 4.80 -10.45 6.05
C VAL B 21 6.14 -10.05 5.40
N GLN B 22 6.50 -10.73 4.31
CA GLN B 22 7.77 -10.50 3.66
C GLN B 22 7.70 -10.65 2.14
N LEU B 23 8.46 -9.82 1.41
CA LEU B 23 8.52 -9.87 -0.05
C LEU B 23 10.00 -9.86 -0.42
N VAL B 24 10.48 -10.90 -1.11
CA VAL B 24 11.89 -11.02 -1.45
C VAL B 24 12.14 -11.09 -2.94
N GLU B 25 12.81 -10.07 -3.49
CA GLU B 25 13.13 -10.01 -4.92
C GLU B 25 14.39 -10.77 -5.29
N SER B 26 14.45 -11.23 -6.54
CA SER B 26 15.62 -11.84 -7.13
C SER B 26 15.59 -11.69 -8.65
N GLY B 27 16.75 -11.79 -9.28
CA GLY B 27 16.85 -11.69 -10.73
C GLY B 27 17.42 -10.38 -11.25
N GLY B 28 17.95 -9.53 -10.38
CA GLY B 28 18.57 -8.29 -10.81
C GLY B 28 19.98 -8.51 -11.37
N GLY B 29 20.50 -7.50 -12.06
CA GLY B 29 21.84 -7.57 -12.61
C GLY B 29 22.06 -6.58 -13.74
N LEU B 30 23.17 -6.78 -14.49
CA LEU B 30 23.54 -5.97 -15.63
C LEU B 30 22.96 -6.58 -16.91
N VAL B 31 22.30 -5.74 -17.73
CA VAL B 31 21.72 -6.15 -19.01
C VAL B 31 22.20 -5.17 -20.08
N GLN B 32 22.37 -5.65 -21.31
CA GLN B 32 22.75 -4.76 -22.41
C GLN B 32 21.49 -4.07 -22.95
N PRO B 33 21.62 -2.84 -23.46
CA PRO B 33 20.44 -2.16 -24.01
C PRO B 33 19.81 -2.95 -25.15
N GLY B 34 18.50 -3.12 -25.07
CA GLY B 34 17.76 -3.95 -26.00
C GLY B 34 17.60 -5.38 -25.52
N GLY B 35 18.25 -5.73 -24.41
CA GLY B 35 18.23 -7.06 -23.82
C GLY B 35 17.04 -7.35 -22.93
N SER B 36 17.01 -8.57 -22.39
CA SER B 36 15.91 -9.05 -21.56
C SER B 36 16.38 -9.43 -20.18
N LEU B 37 15.50 -9.24 -19.20
CA LEU B 37 15.77 -9.58 -17.81
C LEU B 37 14.43 -9.91 -17.12
N ARG B 38 14.43 -10.90 -16.23
CA ARG B 38 13.22 -11.29 -15.53
C ARG B 38 13.40 -11.18 -14.02
N LEU B 39 12.54 -10.40 -13.36
CA LEU B 39 12.58 -10.27 -11.91
C LEU B 39 11.52 -11.19 -11.28
N SER B 40 11.85 -11.74 -10.12
CA SER B 40 10.97 -12.61 -9.35
C SER B 40 10.82 -12.06 -7.94
N CYS B 41 9.68 -12.35 -7.34
CA CYS B 41 9.39 -11.92 -5.99
C CYS B 41 8.70 -13.04 -5.22
N ALA B 42 9.37 -13.57 -4.20
CA ALA B 42 8.79 -14.61 -3.36
C ALA B 42 8.05 -13.94 -2.19
N ALA B 43 6.75 -14.21 -2.06
CA ALA B 43 5.95 -13.67 -0.97
C ALA B 43 5.75 -14.71 0.11
N SER B 44 5.54 -14.26 1.35
CA SER B 44 5.30 -15.13 2.50
C SER B 44 4.59 -14.37 3.61
N GLY B 45 3.97 -15.12 4.52
CA GLY B 45 3.29 -14.55 5.68
C GLY B 45 1.90 -13.99 5.45
N PHE B 46 1.31 -14.23 4.28
CA PHE B 46 -0.04 -13.73 3.98
C PHE B 46 -0.63 -14.48 2.78
N THR B 47 -1.96 -14.39 2.59
CA THR B 47 -2.60 -15.04 1.47
C THR B 47 -2.40 -14.24 0.20
N PHE B 48 -1.28 -14.49 -0.48
CA PHE B 48 -0.89 -13.85 -1.73
C PHE B 48 -2.00 -13.86 -2.78
N ASN B 49 -2.75 -14.96 -2.87
CA ASN B 49 -3.83 -15.11 -3.85
C ASN B 49 -4.99 -14.12 -3.68
N THR B 50 -5.15 -13.51 -2.48
CA THR B 50 -6.25 -12.56 -2.27
C THR B 50 -5.87 -11.10 -2.50
N TYR B 51 -4.63 -10.80 -2.94
CA TYR B 51 -4.21 -9.42 -3.14
C TYR B 51 -3.78 -9.07 -4.55
N TRP B 52 -3.95 -7.80 -4.90
CA TRP B 52 -3.35 -7.21 -6.09
C TRP B 52 -1.86 -7.02 -5.71
N MET B 53 -0.97 -7.12 -6.69
CA MET B 53 0.46 -7.00 -6.48
C MET B 53 1.07 -6.01 -7.46
N SER B 54 2.20 -5.43 -7.09
CA SER B 54 2.77 -4.32 -7.84
C SER B 54 4.27 -4.36 -7.98
N TRP B 55 4.80 -3.51 -8.87
CA TRP B 55 6.21 -3.26 -9.06
C TRP B 55 6.39 -1.76 -9.08
N VAL B 56 7.37 -1.27 -8.32
CA VAL B 56 7.73 0.15 -8.25
C VAL B 56 9.24 0.25 -8.40
N ARG B 57 9.73 1.27 -9.11
CA ARG B 57 11.16 1.43 -9.31
C ARG B 57 11.69 2.77 -8.87
N GLN B 58 12.97 2.82 -8.56
CA GLN B 58 13.64 4.03 -8.13
C GLN B 58 15.04 4.08 -8.72
N ALA B 59 15.27 4.98 -9.69
CA ALA B 59 16.61 5.16 -10.24
C ALA B 59 17.52 5.73 -9.14
N PRO B 60 18.81 5.35 -9.14
CA PRO B 60 19.72 5.82 -8.08
C PRO B 60 19.70 7.33 -7.86
N GLY B 61 19.46 7.74 -6.62
CA GLY B 61 19.36 9.15 -6.25
C GLY B 61 18.12 9.88 -6.75
N LYS B 62 17.16 9.13 -7.32
CA LYS B 62 15.96 9.72 -7.89
C LYS B 62 14.69 9.33 -7.10
N GLY B 63 13.54 9.75 -7.59
CA GLY B 63 12.28 9.49 -6.92
C GLY B 63 11.68 8.14 -7.24
N LEU B 64 10.51 7.89 -6.67
CA LEU B 64 9.78 6.66 -6.92
C LEU B 64 8.98 6.80 -8.22
N GLU B 65 8.89 5.72 -8.98
CA GLU B 65 8.10 5.69 -10.20
C GLU B 65 7.42 4.35 -10.28
N TRP B 66 6.09 4.36 -10.30
CA TRP B 66 5.30 3.14 -10.40
C TRP B 66 5.55 2.43 -11.73
N VAL B 67 5.59 1.09 -11.70
CA VAL B 67 5.79 0.31 -12.92
C VAL B 67 4.53 -0.44 -13.34
N ALA B 68 4.01 -1.35 -12.47
CA ALA B 68 2.87 -2.15 -12.86
C ALA B 68 2.07 -2.67 -11.68
N ASN B 69 0.77 -2.96 -11.92
CA ASN B 69 -0.14 -3.61 -10.98
C ASN B 69 -0.71 -4.88 -11.63
N ILE B 70 -1.10 -5.87 -10.83
CA ILE B 70 -1.74 -7.07 -11.35
C ILE B 70 -2.80 -7.55 -10.36
N GLN B 71 -3.98 -7.92 -10.88
CA GLN B 71 -5.08 -8.41 -10.06
C GLN B 71 -4.80 -9.80 -9.49
N GLN B 72 -5.54 -10.19 -8.44
CA GLN B 72 -5.42 -11.50 -7.78
C GLN B 72 -5.27 -12.69 -8.73
N ASP B 73 -6.12 -12.78 -9.77
CA ASP B 73 -6.04 -13.92 -10.70
C ASP B 73 -5.26 -13.62 -12.00
N GLY B 74 -4.82 -12.39 -12.19
CA GLY B 74 -4.06 -12.00 -13.36
C GLY B 74 -4.87 -11.44 -14.52
N SER B 75 -6.20 -11.34 -14.37
CA SER B 75 -7.07 -10.88 -15.46
C SER B 75 -6.99 -9.39 -15.77
N GLU B 76 -6.45 -8.60 -14.87
CA GLU B 76 -6.29 -7.16 -15.09
C GLU B 76 -4.85 -6.80 -14.78
N LYS B 77 -4.21 -6.07 -15.69
CA LYS B 77 -2.82 -5.66 -15.56
C LYS B 77 -2.72 -4.20 -15.95
N ASP B 78 -2.03 -3.40 -15.15
CA ASP B 78 -1.87 -1.98 -15.44
C ASP B 78 -0.40 -1.64 -15.48
N TYR B 79 -0.01 -0.77 -16.41
CA TYR B 79 1.39 -0.45 -16.64
C TYR B 79 1.65 1.03 -16.76
N LEU B 80 2.88 1.44 -16.44
CA LEU B 80 3.36 2.80 -16.61
C LEU B 80 3.47 3.01 -18.14
N ASN B 81 2.98 4.13 -18.64
CA ASN B 81 2.94 4.42 -20.07
C ASN B 81 4.25 4.08 -20.80
N SER B 82 5.38 4.47 -20.23
CA SER B 82 6.68 4.30 -20.83
C SER B 82 7.18 2.84 -20.90
N VAL B 83 6.53 1.90 -20.20
CA VAL B 83 6.95 0.49 -20.27
C VAL B 83 5.94 -0.40 -21.00
N ARG B 84 4.78 0.13 -21.44
CA ARG B 84 3.79 -0.68 -22.15
C ARG B 84 4.40 -1.33 -23.41
N GLY B 85 4.02 -2.57 -23.66
CA GLY B 85 4.55 -3.33 -24.79
C GLY B 85 5.89 -3.98 -24.52
N ARG B 86 6.72 -3.41 -23.63
CA ARG B 86 8.03 -3.98 -23.33
C ARG B 86 8.03 -4.86 -22.08
N PHE B 87 7.24 -4.51 -21.06
CA PHE B 87 7.25 -5.25 -19.78
C PHE B 87 6.00 -6.06 -19.59
N THR B 88 6.12 -7.21 -18.94
CA THR B 88 4.96 -8.04 -18.64
C THR B 88 4.98 -8.41 -17.19
N ILE B 89 3.94 -8.03 -16.45
CA ILE B 89 3.82 -8.43 -15.05
C ILE B 89 2.99 -9.70 -15.04
N SER B 90 3.39 -10.68 -14.25
CA SER B 90 2.66 -11.94 -14.15
C SER B 90 2.78 -12.51 -12.74
N ARG B 91 1.92 -13.48 -12.40
CA ARG B 91 1.96 -14.09 -11.08
C ARG B 91 1.67 -15.60 -11.14
N ASP B 92 2.01 -16.30 -10.07
CA ASP B 92 1.76 -17.72 -9.91
C ASP B 92 1.39 -17.86 -8.43
N ASN B 93 0.09 -17.94 -8.16
CA ASN B 93 -0.42 -17.98 -6.79
C ASN B 93 -0.05 -19.25 -6.05
N ALA B 94 0.10 -20.38 -6.75
CA ALA B 94 0.54 -21.63 -6.11
C ALA B 94 1.95 -21.47 -5.54
N LYS B 95 2.85 -20.81 -6.29
CA LYS B 95 4.21 -20.55 -5.82
C LYS B 95 4.34 -19.28 -4.97
N LYS B 96 3.26 -18.49 -4.82
CA LYS B 96 3.23 -17.22 -4.09
C LYS B 96 4.31 -16.29 -4.66
N SER B 97 4.37 -16.22 -6.00
CA SER B 97 5.40 -15.47 -6.68
C SER B 97 4.91 -14.47 -7.70
N LEU B 98 5.55 -13.30 -7.71
CA LEU B 98 5.29 -12.19 -8.62
C LEU B 98 6.46 -12.08 -9.62
N TYR B 99 6.15 -11.71 -10.86
CA TYR B 99 7.16 -11.62 -11.90
C TYR B 99 7.07 -10.35 -12.71
N LEU B 100 8.22 -9.92 -13.23
CA LEU B 100 8.31 -8.81 -14.15
C LEU B 100 9.26 -9.21 -15.26
N GLN B 101 8.70 -9.57 -16.42
CA GLN B 101 9.50 -9.90 -17.59
C GLN B 101 9.80 -8.58 -18.31
N MET B 102 11.04 -8.14 -18.24
CA MET B 102 11.45 -6.88 -18.83
C MET B 102 12.18 -7.12 -20.14
N ASN B 103 11.55 -6.75 -21.26
CA ASN B 103 12.13 -6.88 -22.59
C ASN B 103 12.45 -5.49 -23.17
N SER B 104 13.29 -5.45 -24.22
CA SER B 104 13.74 -4.23 -24.92
C SER B 104 14.22 -3.18 -23.95
N LEU B 105 15.09 -3.60 -23.03
CA LEU B 105 15.57 -2.74 -21.98
C LEU B 105 16.25 -1.48 -22.49
N ARG B 106 16.00 -0.36 -21.82
CA ARG B 106 16.57 0.92 -22.19
C ARG B 106 17.37 1.47 -20.99
N ALA B 107 18.29 2.41 -21.23
CA ALA B 107 19.14 2.93 -20.16
C ALA B 107 18.34 3.59 -19.03
N GLU B 108 17.21 4.20 -19.36
CA GLU B 108 16.27 4.85 -18.45
C GLU B 108 15.54 3.84 -17.52
N ASP B 109 15.56 2.54 -17.88
CA ASP B 109 14.99 1.49 -17.06
C ASP B 109 15.91 1.14 -15.88
N THR B 110 17.17 1.63 -15.86
CA THR B 110 18.10 1.37 -14.77
C THR B 110 17.55 1.94 -13.47
N ALA B 111 17.30 1.05 -12.49
CA ALA B 111 16.72 1.43 -11.20
C ALA B 111 16.72 0.23 -10.22
N VAL B 112 16.42 0.48 -8.94
CA VAL B 112 16.13 -0.55 -7.97
C VAL B 112 14.63 -0.85 -8.20
N TYR B 113 14.26 -2.11 -8.36
CA TYR B 113 12.87 -2.49 -8.58
C TYR B 113 12.34 -3.15 -7.33
N TYR B 114 11.29 -2.56 -6.76
CA TYR B 114 10.62 -3.05 -5.59
C TYR B 114 9.36 -3.79 -5.96
N CYS B 115 9.21 -4.95 -5.36
CA CYS B 115 8.01 -5.76 -5.38
C CYS B 115 7.16 -5.17 -4.25
N ALA B 116 5.85 -4.98 -4.49
CA ALA B 116 4.99 -4.37 -3.49
C ALA B 116 3.61 -4.99 -3.48
N ARG B 117 2.93 -4.94 -2.32
CA ARG B 117 1.55 -5.41 -2.23
C ARG B 117 0.63 -4.19 -2.38
N ASP B 118 -0.41 -4.29 -3.23
CA ASP B 118 -1.32 -3.19 -3.47
C ASP B 118 -2.55 -3.42 -2.63
N ASN B 119 -2.58 -2.82 -1.45
CA ASN B 119 -3.69 -2.97 -0.53
C ASN B 119 -3.89 -1.71 0.31
N PRO B 120 -5.10 -1.13 0.31
CA PRO B 120 -6.27 -1.50 -0.50
C PRO B 120 -6.05 -1.18 -1.99
N ALA B 121 -6.47 -2.08 -2.87
CA ALA B 121 -6.34 -1.91 -4.30
C ALA B 121 -7.26 -0.80 -4.81
N SER B 122 -8.43 -0.62 -4.19
CA SER B 122 -9.30 0.52 -4.53
C SER B 122 -8.61 1.85 -4.19
N ALA B 123 -7.66 1.85 -3.24
CA ALA B 123 -6.86 3.01 -2.87
C ALA B 123 -5.56 3.08 -3.63
N VAL B 124 -5.17 2.00 -4.36
CA VAL B 124 -3.90 1.87 -5.10
C VAL B 124 -2.77 2.20 -4.13
N ALA B 125 -2.69 1.44 -3.03
CA ALA B 125 -1.72 1.73 -1.98
C ALA B 125 -0.71 0.64 -1.83
N PHE B 126 0.56 0.98 -1.86
CA PHE B 126 1.63 0.00 -1.72
C PHE B 126 1.92 -0.14 -0.24
N ASP B 127 1.27 -1.11 0.40
CA ASP B 127 1.35 -1.24 1.85
C ASP B 127 2.48 -2.13 2.36
N VAL B 128 3.11 -2.91 1.48
CA VAL B 128 4.22 -3.78 1.84
C VAL B 128 5.30 -3.70 0.75
N TRP B 129 6.55 -3.45 1.13
CA TRP B 129 7.63 -3.33 0.16
C TRP B 129 8.72 -4.34 0.43
N GLY B 130 9.35 -4.80 -0.65
CA GLY B 130 10.48 -5.71 -0.58
C GLY B 130 11.77 -4.95 -0.35
N GLN B 131 12.90 -5.66 -0.39
CA GLN B 131 14.20 -5.03 -0.19
C GLN B 131 14.74 -4.34 -1.46
N GLY B 132 14.20 -4.66 -2.63
CA GLY B 132 14.63 -4.08 -3.90
C GLY B 132 15.65 -4.89 -4.66
N ALA B 133 15.53 -4.88 -6.00
CA ALA B 133 16.45 -5.63 -6.87
C ALA B 133 17.10 -4.66 -7.86
N MET B 134 18.42 -4.56 -7.86
CA MET B 134 19.12 -3.64 -8.75
C MET B 134 19.20 -4.13 -10.20
N VAL B 135 18.71 -3.30 -11.13
CA VAL B 135 18.76 -3.61 -12.55
C VAL B 135 19.51 -2.52 -13.29
N THR B 136 20.58 -2.89 -13.99
CA THR B 136 21.42 -1.94 -14.71
C THR B 136 21.45 -2.23 -16.19
N VAL B 137 21.03 -1.26 -17.00
CA VAL B 137 21.01 -1.40 -18.44
C VAL B 137 22.15 -0.60 -19.03
N SER B 138 23.22 -1.30 -19.38
CA SER B 138 24.41 -0.67 -19.91
C SER B 138 25.04 -1.48 -21.02
N SER B 139 25.77 -0.78 -21.90
CA SER B 139 26.55 -1.42 -22.94
C SER B 139 27.94 -1.84 -22.39
N ALA B 140 28.39 -1.23 -21.27
CA ALA B 140 29.65 -1.57 -20.61
C ALA B 140 29.57 -2.99 -20.04
N SER B 141 30.74 -3.61 -19.87
CA SER B 141 30.82 -4.98 -19.39
C SER B 141 31.05 -5.08 -17.88
N THR B 142 30.62 -6.22 -17.30
CA THR B 142 30.79 -6.49 -15.89
C THR B 142 32.25 -6.65 -15.50
N LYS B 143 32.67 -5.99 -14.43
CA LYS B 143 34.02 -6.13 -13.91
C LYS B 143 33.99 -6.50 -12.44
N GLY B 144 34.60 -7.62 -12.11
CA GLY B 144 34.72 -8.04 -10.72
C GLY B 144 35.73 -7.18 -9.98
N PRO B 145 35.56 -7.05 -8.67
CA PRO B 145 36.47 -6.19 -7.91
C PRO B 145 37.70 -6.89 -7.33
N SER B 146 38.77 -6.12 -7.12
CA SER B 146 39.95 -6.62 -6.46
C SER B 146 39.77 -6.24 -4.99
N VAL B 147 39.34 -7.20 -4.17
CA VAL B 147 39.09 -6.99 -2.75
C VAL B 147 40.39 -7.10 -1.94
N PHE B 148 40.81 -5.98 -1.34
CA PHE B 148 42.03 -5.88 -0.54
C PHE B 148 41.74 -5.55 0.90
N PRO B 149 42.45 -6.16 1.87
CA PRO B 149 42.15 -5.87 3.28
C PRO B 149 42.80 -4.58 3.77
N LEU B 150 42.16 -3.93 4.71
CA LEU B 150 42.64 -2.68 5.26
C LEU B 150 43.26 -2.89 6.64
N ALA B 151 44.57 -2.63 6.75
CA ALA B 151 45.41 -2.80 7.94
C ALA B 151 45.22 -1.68 8.98
N PRO B 152 45.21 -2.02 10.28
CA PRO B 152 45.04 -0.99 11.32
C PRO B 152 46.21 -0.02 11.43
N GLY B 159 40.38 5.71 20.01
CA GLY B 159 40.56 5.77 21.45
C GLY B 159 40.67 4.38 22.04
N GLY B 160 41.78 3.72 21.77
CA GLY B 160 41.97 2.34 22.19
C GLY B 160 41.13 1.35 21.40
N THR B 161 40.36 1.86 20.41
CA THR B 161 39.50 1.08 19.54
C THR B 161 39.93 1.30 18.09
N ALA B 162 41.14 0.80 17.74
CA ALA B 162 41.65 0.85 16.37
C ALA B 162 40.67 0.14 15.42
N ALA B 163 40.45 0.74 14.25
CA ALA B 163 39.49 0.21 13.29
C ALA B 163 40.16 -0.28 12.00
N LEU B 164 39.44 -1.08 11.20
CA LEU B 164 39.94 -1.63 9.95
C LEU B 164 38.82 -2.33 9.16
N GLY B 165 39.09 -2.67 7.91
CA GLY B 165 38.12 -3.38 7.08
C GLY B 165 38.70 -3.97 5.80
N CYS B 166 37.94 -3.91 4.70
CA CYS B 166 38.36 -4.37 3.37
C CYS B 166 38.16 -3.20 2.36
N LEU B 167 38.82 -3.27 1.21
CA LEU B 167 38.70 -2.30 0.13
C LEU B 167 38.26 -3.05 -1.12
N VAL B 168 37.11 -2.69 -1.66
CA VAL B 168 36.54 -3.35 -2.83
C VAL B 168 36.82 -2.46 -4.03
N LYS B 169 37.85 -2.78 -4.80
CA LYS B 169 38.32 -1.91 -5.86
C LYS B 169 37.89 -2.24 -7.29
N ASP B 170 37.52 -1.20 -8.06
CA ASP B 170 37.23 -1.22 -9.48
C ASP B 170 36.20 -2.28 -9.95
N TYR B 171 34.93 -2.10 -9.58
CA TYR B 171 33.89 -3.03 -10.00
C TYR B 171 32.75 -2.36 -10.78
N PHE B 172 31.95 -3.16 -11.48
CA PHE B 172 30.82 -2.64 -12.24
C PHE B 172 29.89 -3.79 -12.56
N PRO B 173 28.57 -3.61 -12.39
CA PRO B 173 27.90 -2.43 -11.83
C PRO B 173 27.67 -2.57 -10.31
N GLU B 174 26.88 -1.66 -9.70
CA GLU B 174 26.46 -1.85 -8.32
C GLU B 174 25.39 -2.97 -8.39
N PRO B 175 25.15 -3.69 -7.29
CA PRO B 175 25.69 -3.49 -5.96
C PRO B 175 26.81 -4.46 -5.56
N VAL B 176 27.41 -4.21 -4.42
CA VAL B 176 28.38 -5.08 -3.81
C VAL B 176 27.96 -5.21 -2.34
N THR B 177 27.88 -6.45 -1.85
CA THR B 177 27.46 -6.69 -0.47
C THR B 177 28.62 -7.23 0.33
N VAL B 178 28.88 -6.61 1.48
CA VAL B 178 29.95 -7.03 2.37
C VAL B 178 29.41 -7.14 3.77
N SER B 179 29.31 -8.35 4.27
CA SER B 179 28.84 -8.58 5.64
C SER B 179 30.03 -9.00 6.50
N TRP B 180 29.85 -8.98 7.82
CA TRP B 180 30.87 -9.48 8.74
C TRP B 180 30.21 -10.53 9.62
N ASN B 181 29.40 -11.43 9.01
CA ASN B 181 28.68 -12.53 9.66
C ASN B 181 29.58 -13.72 9.73
N SER B 182 30.25 -14.07 8.62
CA SER B 182 31.31 -15.09 8.69
C SER B 182 32.48 -14.59 9.61
N GLY B 183 32.41 -13.32 10.03
CA GLY B 183 33.26 -12.67 11.01
C GLY B 183 32.40 -12.36 12.22
N ALA B 184 32.48 -11.14 12.76
CA ALA B 184 31.66 -10.75 13.90
C ALA B 184 31.39 -9.20 13.93
N LEU B 185 30.95 -8.57 15.06
CA LEU B 185 30.59 -7.15 15.12
C LEU B 185 29.54 -6.83 14.04
N THR B 186 28.68 -7.81 13.72
CA THR B 186 27.63 -7.75 12.72
C THR B 186 26.83 -6.43 12.81
N SER B 187 26.53 -5.96 14.04
CA SER B 187 25.84 -4.69 14.27
C SER B 187 26.81 -3.69 14.91
N GLY B 188 27.39 -2.83 14.08
CA GLY B 188 28.39 -1.85 14.45
C GLY B 188 29.40 -1.62 13.34
N VAL B 189 29.07 -2.06 12.11
CA VAL B 189 29.87 -1.94 10.91
C VAL B 189 29.55 -0.64 10.19
N HIS B 190 30.47 -0.20 9.33
CA HIS B 190 30.23 0.94 8.48
C HIS B 190 30.70 0.58 7.08
N THR B 191 29.75 0.34 6.19
CA THR B 191 30.05 0.07 4.80
C THR B 191 29.75 1.36 4.07
N PHE B 192 30.79 1.99 3.52
CA PHE B 192 30.63 3.28 2.88
C PHE B 192 30.08 3.17 1.50
N PRO B 193 29.23 4.14 1.10
CA PRO B 193 28.73 4.13 -0.28
C PRO B 193 29.91 4.27 -1.25
N ALA B 194 29.85 3.51 -2.33
CA ALA B 194 30.91 3.50 -3.31
C ALA B 194 31.09 4.83 -4.02
N VAL B 195 32.31 5.09 -4.49
CA VAL B 195 32.67 6.25 -5.29
C VAL B 195 32.57 5.85 -6.77
N LEU B 196 32.12 6.78 -7.64
CA LEU B 196 32.06 6.52 -9.07
C LEU B 196 33.23 7.25 -9.70
N GLN B 197 34.27 6.51 -10.01
CA GLN B 197 35.49 7.06 -10.55
C GLN B 197 35.32 7.55 -11.98
N SER B 198 36.29 8.35 -12.44
CA SER B 198 36.32 8.84 -13.81
C SER B 198 36.72 7.77 -14.84
N SER B 199 36.73 6.51 -14.43
CA SER B 199 36.91 5.33 -15.26
C SER B 199 35.54 4.65 -15.53
N GLY B 200 34.49 5.06 -14.80
CA GLY B 200 33.19 4.43 -14.84
C GLY B 200 33.07 3.28 -13.86
N LEU B 201 34.16 2.94 -13.13
CA LEU B 201 34.17 1.86 -12.17
C LEU B 201 33.87 2.34 -10.76
N TYR B 202 33.40 1.43 -9.92
CA TYR B 202 33.06 1.75 -8.54
C TYR B 202 34.09 1.21 -7.58
N SER B 203 34.19 1.84 -6.43
CA SER B 203 35.03 1.37 -5.35
C SER B 203 34.37 1.75 -4.05
N LEU B 204 34.32 0.81 -3.11
CA LEU B 204 33.79 1.07 -1.77
C LEU B 204 34.71 0.50 -0.69
N SER B 205 34.46 0.87 0.56
CA SER B 205 35.24 0.36 1.68
C SER B 205 34.30 0.05 2.83
N SER B 206 34.59 -1.04 3.56
CA SER B 206 33.76 -1.43 4.69
C SER B 206 34.67 -1.61 5.89
N VAL B 207 34.46 -0.82 6.94
CA VAL B 207 35.27 -0.85 8.15
C VAL B 207 34.37 -1.12 9.37
N VAL B 208 34.92 -1.71 10.43
CA VAL B 208 34.17 -1.95 11.66
C VAL B 208 34.96 -1.43 12.85
N THR B 209 34.31 -0.65 13.71
CA THR B 209 34.96 -0.08 14.90
C THR B 209 35.09 -1.16 15.95
N VAL B 210 36.17 -1.93 15.87
CA VAL B 210 36.49 -3.03 16.80
C VAL B 210 36.49 -2.52 18.25
N PRO B 211 35.57 -3.00 19.11
CA PRO B 211 35.50 -2.48 20.48
C PRO B 211 36.69 -2.86 21.37
N SER B 212 37.11 -4.12 21.25
CA SER B 212 38.36 -4.54 21.92
C SER B 212 39.39 -4.52 20.80
N SER B 213 40.26 -3.51 20.75
CA SER B 213 41.18 -3.37 19.59
C SER B 213 42.65 -3.51 19.98
N SER B 214 43.00 -3.25 21.23
CA SER B 214 44.45 -3.27 21.60
C SER B 214 44.97 -4.71 21.64
N LEU B 215 45.75 -5.15 20.66
CA LEU B 215 46.33 -6.52 20.73
C LEU B 215 45.27 -7.47 21.30
N GLY B 216 44.04 -7.36 20.82
CA GLY B 216 42.94 -8.21 21.29
C GLY B 216 41.76 -8.02 20.35
N THR B 217 41.27 -9.10 19.76
CA THR B 217 40.18 -9.01 18.78
C THR B 217 39.50 -10.38 18.58
N GLN B 218 38.44 -10.43 17.74
CA GLN B 218 37.75 -11.64 17.38
C GLN B 218 38.15 -12.04 15.93
N THR B 219 37.55 -13.07 15.41
CA THR B 219 37.80 -13.60 14.09
C THR B 219 36.95 -12.84 13.05
N TYR B 220 37.18 -11.53 12.90
CA TYR B 220 36.41 -10.72 11.96
C TYR B 220 36.78 -11.00 10.49
N ILE B 221 35.76 -11.23 9.65
CA ILE B 221 35.93 -11.52 8.22
C ILE B 221 34.93 -10.69 7.40
N CYS B 222 35.37 -10.16 6.24
CA CYS B 222 34.53 -9.38 5.33
C CYS B 222 34.00 -10.27 4.21
N ASN B 223 32.69 -10.25 4.02
CA ASN B 223 32.00 -11.11 3.07
C ASN B 223 31.54 -10.36 1.84
N VAL B 224 32.48 -10.03 0.99
CA VAL B 224 32.21 -9.31 -0.24
C VAL B 224 31.90 -10.24 -1.40
N ASN B 225 30.72 -10.07 -2.00
CA ASN B 225 30.35 -10.85 -3.17
C ASN B 225 29.68 -10.00 -4.23
N HIS B 226 30.35 -9.86 -5.39
CA HIS B 226 29.80 -9.12 -6.51
C HIS B 226 29.04 -10.13 -7.37
N LYS B 227 27.71 -10.11 -7.27
CA LYS B 227 26.85 -11.06 -7.98
C LYS B 227 26.92 -10.95 -9.52
N PRO B 228 26.81 -9.76 -10.16
CA PRO B 228 26.91 -9.73 -11.63
C PRO B 228 28.22 -10.30 -12.18
N SER B 229 29.29 -10.28 -11.40
CA SER B 229 30.56 -10.86 -11.82
C SER B 229 30.81 -12.27 -11.22
N ASN B 230 29.83 -12.81 -10.47
CA ASN B 230 29.88 -14.05 -9.72
C ASN B 230 31.16 -14.17 -8.91
N THR B 231 31.56 -13.06 -8.25
CA THR B 231 32.73 -13.02 -7.40
C THR B 231 32.24 -13.21 -5.97
N LYS B 232 32.83 -14.13 -5.23
CA LYS B 232 32.47 -14.38 -3.84
C LYS B 232 33.76 -14.53 -3.06
N VAL B 233 34.35 -13.41 -2.65
CA VAL B 233 35.59 -13.45 -1.91
C VAL B 233 35.36 -13.20 -0.43
N ASP B 234 35.73 -14.16 0.41
CA ASP B 234 35.65 -14.00 1.84
C ASP B 234 37.07 -13.67 2.29
N LYS B 235 37.27 -12.48 2.88
CA LYS B 235 38.59 -12.02 3.32
C LYS B 235 38.65 -11.81 4.82
N ARG B 236 39.30 -12.75 5.52
CA ARG B 236 39.43 -12.79 6.97
C ARG B 236 40.57 -11.86 7.37
N VAL B 237 40.38 -10.57 7.14
CA VAL B 237 41.39 -9.53 7.32
C VAL B 237 42.18 -9.65 8.63
N GLU B 238 41.50 -10.03 9.74
CA GLU B 238 42.20 -10.20 11.00
C GLU B 238 41.81 -11.46 11.78
N PRO B 239 42.57 -12.55 11.62
CA PRO B 239 42.29 -13.75 12.42
C PRO B 239 42.94 -13.63 13.81
N LYS B 240 42.20 -13.20 14.85
CA LYS B 240 42.78 -13.06 16.18
C LYS B 240 41.71 -12.92 17.26
N SER C 21 6.88 16.24 -13.00
CA SER C 21 5.97 15.22 -12.48
C SER C 21 4.55 15.77 -12.28
N ALA C 22 3.52 14.92 -12.50
CA ALA C 22 2.11 15.32 -12.41
C ALA C 22 1.69 15.86 -11.03
N LEU C 23 2.41 15.44 -9.98
CA LEU C 23 2.18 15.89 -8.62
C LEU C 23 3.39 16.68 -8.19
N THR C 24 3.16 17.88 -7.65
CA THR C 24 4.18 18.81 -7.25
C THR C 24 4.36 18.84 -5.76
N GLN C 25 5.57 18.53 -5.29
CA GLN C 25 5.91 18.58 -3.88
C GLN C 25 7.07 19.55 -3.69
N PRO C 26 7.12 20.21 -2.53
CA PRO C 26 8.31 21.02 -2.22
C PRO C 26 9.55 20.11 -2.22
N PRO C 27 10.70 20.56 -2.73
CA PRO C 27 11.89 19.68 -2.72
C PRO C 27 12.38 19.44 -1.29
N SER C 28 12.23 20.45 -0.42
CA SER C 28 12.60 20.34 0.98
C SER C 28 11.68 21.21 1.81
N VAL C 29 11.45 20.76 3.05
CA VAL C 29 10.71 21.45 4.11
C VAL C 29 11.52 21.23 5.38
N SER C 30 11.37 22.15 6.32
CA SER C 30 12.13 22.07 7.56
C SER C 30 11.42 22.72 8.71
N GLU C 31 11.68 22.21 9.91
CA GLU C 31 11.04 22.68 11.13
C GLU C 31 11.82 22.17 12.35
N ALA C 32 11.77 22.92 13.44
CA ALA C 32 12.41 22.54 14.69
C ALA C 32 11.62 21.40 15.35
N PRO C 33 12.27 20.63 16.25
CA PRO C 33 11.55 19.54 16.92
C PRO C 33 10.36 20.02 17.77
N ARG C 34 9.55 19.07 18.23
CA ARG C 34 8.35 19.33 19.04
C ARG C 34 7.23 20.06 18.28
N ARG C 35 7.51 20.56 17.07
CA ARG C 35 6.57 21.34 16.28
C ARG C 35 5.84 20.52 15.20
N ARG C 36 5.01 21.18 14.37
CA ARG C 36 4.20 20.55 13.33
C ARG C 36 4.71 20.93 11.93
N VAL C 37 4.82 19.95 11.03
CA VAL C 37 5.30 20.15 9.67
C VAL C 37 4.22 19.80 8.67
N THR C 38 4.15 20.55 7.57
CA THR C 38 3.22 20.25 6.47
C THR C 38 4.00 20.09 5.17
N ILE C 39 3.57 19.12 4.37
CA ILE C 39 4.14 18.78 3.07
C ILE C 39 2.97 18.71 2.10
N TYR C 40 2.91 19.61 1.12
CA TYR C 40 1.80 19.63 0.17
C TYR C 40 2.07 18.75 -1.03
N CYS C 41 1.01 18.28 -1.66
CA CYS C 41 1.05 17.47 -2.86
C CYS C 41 0.07 18.09 -3.83
N SER C 42 0.56 18.89 -4.77
CA SER C 42 -0.33 19.58 -5.72
C SER C 42 -0.53 18.75 -6.99
N GLY C 43 -1.77 18.44 -7.32
CA GLY C 43 -2.09 17.66 -8.51
C GLY C 43 -3.16 18.27 -9.38
N SER C 44 -3.98 17.43 -9.97
CA SER C 44 -5.06 17.85 -10.84
C SER C 44 -6.34 17.02 -10.64
N SER C 45 -7.42 17.40 -11.33
CA SER C 45 -8.72 16.72 -11.25
C SER C 45 -8.70 15.30 -11.78
N SER C 46 -7.77 14.98 -12.67
CA SER C 46 -7.65 13.63 -13.20
C SER C 46 -6.95 12.69 -12.20
N ASN C 47 -6.11 13.24 -11.31
CA ASN C 47 -5.40 12.43 -10.33
C ASN C 47 -5.96 12.68 -8.90
N ILE C 48 -5.41 13.63 -8.14
CA ILE C 48 -5.81 13.95 -6.78
C ILE C 48 -7.29 14.29 -6.65
N GLY C 49 -7.78 15.13 -7.53
CA GLY C 49 -9.18 15.54 -7.50
C GLY C 49 -10.20 14.39 -7.49
N ASN C 50 -9.85 13.26 -8.14
CA ASN C 50 -10.77 12.13 -8.24
C ASN C 50 -10.29 10.83 -7.58
N ASN C 51 -9.03 10.76 -7.16
CA ASN C 51 -8.49 9.52 -6.63
C ASN C 51 -7.90 9.65 -5.23
N ALA C 52 -7.70 8.50 -4.59
CA ALA C 52 -7.16 8.37 -3.25
C ALA C 52 -5.64 8.63 -3.23
N VAL C 53 -5.20 9.48 -2.32
CA VAL C 53 -3.81 9.84 -2.19
C VAL C 53 -3.11 9.00 -1.14
N SER C 54 -1.96 8.44 -1.51
CA SER C 54 -1.13 7.70 -0.60
C SER C 54 0.11 8.53 -0.24
N TRP C 55 0.71 8.26 0.91
CA TRP C 55 1.91 8.95 1.36
C TRP C 55 2.91 7.95 1.90
N TYR C 56 4.17 8.14 1.54
CA TYR C 56 5.24 7.24 1.90
C TYR C 56 6.42 7.94 2.52
N GLN C 57 7.06 7.25 3.47
CA GLN C 57 8.30 7.68 4.12
C GLN C 57 9.41 6.74 3.66
N GLN C 58 10.54 7.31 3.21
CA GLN C 58 11.70 6.52 2.86
C GLN C 58 12.90 7.02 3.64
N LEU C 59 13.34 6.24 4.63
CA LEU C 59 14.53 6.55 5.42
C LEU C 59 15.76 6.25 4.59
N PRO C 60 16.87 6.97 4.83
CA PRO C 60 18.09 6.72 4.04
C PRO C 60 18.52 5.26 3.97
N GLY C 61 18.68 4.76 2.74
CA GLY C 61 19.09 3.38 2.50
C GLY C 61 18.02 2.32 2.75
N LYS C 62 16.78 2.75 3.05
CA LYS C 62 15.70 1.82 3.32
C LYS C 62 14.67 1.77 2.20
N SER C 63 13.88 0.71 2.16
CA SER C 63 12.74 0.65 1.25
C SER C 63 11.67 1.64 1.78
N PRO C 64 10.82 2.17 0.91
CA PRO C 64 9.72 3.01 1.39
C PRO C 64 8.69 2.22 2.21
N LYS C 65 7.91 2.93 3.01
CA LYS C 65 6.81 2.33 3.76
C LYS C 65 5.58 3.22 3.62
N LEU C 66 4.38 2.65 3.67
CA LEU C 66 3.16 3.43 3.56
C LEU C 66 2.80 4.12 4.89
N LEU C 67 2.52 5.42 4.85
CA LEU C 67 2.09 6.15 6.03
C LEU C 67 0.56 6.30 6.02
N ILE C 68 0.04 6.94 4.95
CA ILE C 68 -1.34 7.34 4.76
C ILE C 68 -1.89 6.78 3.47
N TYR C 69 -3.18 6.40 3.47
CA TYR C 69 -3.87 5.93 2.27
C TYR C 69 -5.34 6.37 2.34
N PHE C 70 -6.11 6.18 1.25
CA PHE C 70 -7.49 6.66 1.17
C PHE C 70 -7.59 8.15 1.59
N ASP C 71 -6.52 8.91 1.28
CA ASP C 71 -6.35 10.33 1.57
C ASP C 71 -5.97 10.63 2.99
N ASP C 72 -6.66 10.00 3.97
CA ASP C 72 -6.45 10.35 5.37
C ASP C 72 -6.48 9.18 6.36
N LEU C 73 -6.40 7.94 5.87
CA LEU C 73 -6.30 6.80 6.76
C LEU C 73 -4.85 6.59 7.13
N VAL C 74 -4.59 6.24 8.37
CA VAL C 74 -3.25 5.99 8.86
C VAL C 74 -3.07 4.52 8.89
N THR C 75 -2.04 4.03 8.18
CA THR C 75 -1.81 2.59 8.14
C THR C 75 -1.50 2.06 9.56
N SER C 76 -1.94 0.85 9.85
CA SER C 76 -1.76 0.21 11.14
C SER C 76 -0.27 0.12 11.51
N GLY C 77 0.06 0.51 12.73
CA GLY C 77 1.45 0.49 13.17
C GLY C 77 2.16 1.82 13.06
N VAL C 78 1.67 2.70 12.16
CA VAL C 78 2.26 4.02 11.97
C VAL C 78 1.85 4.92 13.13
N SER C 79 2.79 5.75 13.61
CA SER C 79 2.51 6.67 14.71
C SER C 79 1.37 7.63 14.37
N ASP C 80 0.60 8.02 15.38
CA ASP C 80 -0.52 8.95 15.23
C ASP C 80 -0.13 10.40 15.02
N ARG C 81 1.18 10.72 15.07
CA ARG C 81 1.68 12.05 14.76
C ARG C 81 1.60 12.34 13.25
N PHE C 82 1.40 11.29 12.40
CA PHE C 82 1.28 11.43 10.96
C PHE C 82 -0.18 11.48 10.60
N SER C 83 -0.57 12.49 9.84
CA SER C 83 -1.96 12.64 9.43
C SER C 83 -2.05 13.08 7.98
N GLY C 84 -3.17 12.79 7.36
CA GLY C 84 -3.37 13.14 5.96
C GLY C 84 -4.63 13.94 5.74
N SER C 85 -4.63 14.70 4.68
CA SER C 85 -5.80 15.46 4.29
C SER C 85 -5.72 15.81 2.80
N LYS C 86 -6.86 16.01 2.18
CA LYS C 86 -6.96 16.36 0.78
C LYS C 86 -8.22 17.18 0.57
N SER C 87 -8.14 18.18 -0.30
CA SER C 87 -9.29 19.00 -0.66
C SER C 87 -9.01 19.57 -2.02
N GLY C 88 -10.00 19.50 -2.90
CA GLY C 88 -9.84 19.95 -4.27
C GLY C 88 -8.79 19.12 -4.99
N THR C 89 -7.81 19.78 -5.59
CA THR C 89 -6.75 19.09 -6.30
C THR C 89 -5.42 19.06 -5.53
N SER C 90 -5.45 19.34 -4.22
CA SER C 90 -4.22 19.36 -3.44
C SER C 90 -4.36 18.50 -2.19
N ALA C 91 -3.33 17.72 -1.88
CA ALA C 91 -3.29 16.87 -0.68
C ALA C 91 -2.16 17.37 0.25
N SER C 92 -2.13 16.92 1.51
CA SER C 92 -1.15 17.37 2.46
C SER C 92 -0.90 16.32 3.55
N LEU C 93 0.35 16.23 4.01
CA LEU C 93 0.80 15.30 5.06
C LEU C 93 1.28 16.15 6.23
N ALA C 94 0.78 15.87 7.44
CA ALA C 94 1.19 16.59 8.62
C ALA C 94 1.97 15.72 9.59
N ILE C 95 3.08 16.22 10.12
CA ILE C 95 3.86 15.49 11.12
C ILE C 95 3.90 16.37 12.35
N SER C 96 3.33 15.90 13.47
CA SER C 96 3.32 16.69 14.69
C SER C 96 4.27 16.12 15.73
N GLY C 97 4.75 16.99 16.62
CA GLY C 97 5.72 16.59 17.66
C GLY C 97 6.97 16.02 17.03
N LEU C 98 7.51 16.75 16.05
CA LEU C 98 8.64 16.34 15.23
C LEU C 98 9.80 15.74 16.01
N GLN C 99 10.44 14.75 15.40
CA GLN C 99 11.60 14.07 15.94
C GLN C 99 12.65 14.03 14.83
N SER C 100 13.93 14.10 15.19
CA SER C 100 15.00 13.98 14.19
C SER C 100 14.92 12.62 13.45
N GLU C 101 14.32 11.60 14.09
CA GLU C 101 14.05 10.28 13.53
C GLU C 101 13.10 10.36 12.31
N ASP C 102 12.29 11.43 12.24
CA ASP C 102 11.40 11.70 11.13
C ASP C 102 12.14 12.20 9.88
N GLU C 103 13.46 12.51 9.98
CA GLU C 103 14.22 12.95 8.81
C GLU C 103 14.26 11.82 7.79
N ALA C 104 13.69 12.07 6.62
CA ALA C 104 13.51 11.09 5.55
C ALA C 104 12.96 11.82 4.28
N ASP C 105 12.72 11.07 3.18
CA ASP C 105 12.09 11.59 1.98
C ASP C 105 10.61 11.16 2.02
N TYR C 106 9.70 12.08 1.67
CA TYR C 106 8.26 11.81 1.72
C TYR C 106 7.63 11.93 0.37
N TYR C 107 6.91 10.89 -0.07
CA TYR C 107 6.28 10.91 -1.38
C TYR C 107 4.78 10.80 -1.30
N CYS C 108 4.10 11.47 -2.20
CA CYS C 108 2.67 11.33 -2.38
C CYS C 108 2.43 10.60 -3.71
N ALA C 109 1.34 9.85 -3.81
CA ALA C 109 0.97 9.19 -5.05
C ALA C 109 -0.54 9.07 -5.14
N ALA C 110 -1.07 8.87 -6.34
CA ALA C 110 -2.48 8.71 -6.60
C ALA C 110 -2.66 8.23 -8.03
N TRP C 111 -3.77 7.55 -8.29
CA TRP C 111 -4.09 7.11 -9.63
C TRP C 111 -4.44 8.32 -10.49
N ASP C 112 -4.11 8.26 -11.78
CA ASP C 112 -4.47 9.30 -12.72
C ASP C 112 -5.35 8.68 -13.79
N ASP C 113 -6.56 9.22 -13.97
CA ASP C 113 -7.54 8.73 -14.95
C ASP C 113 -7.15 8.99 -16.40
N ARG C 114 -6.41 10.06 -16.66
CA ARG C 114 -6.00 10.41 -18.01
C ARG C 114 -4.85 9.52 -18.48
N LEU C 115 -3.94 9.16 -17.56
CA LEU C 115 -2.81 8.31 -17.91
C LEU C 115 -3.07 6.83 -17.67
N ASN C 116 -4.08 6.48 -16.85
CA ASN C 116 -4.38 5.12 -16.45
C ASN C 116 -3.16 4.48 -15.79
N GLY C 117 -2.61 5.21 -14.83
CA GLY C 117 -1.45 4.79 -14.09
C GLY C 117 -1.24 5.62 -12.84
N VAL C 118 -0.34 5.16 -11.98
CA VAL C 118 -0.03 5.87 -10.75
C VAL C 118 0.97 6.96 -11.04
N VAL C 119 0.67 8.16 -10.58
CA VAL C 119 1.61 9.27 -10.69
C VAL C 119 2.20 9.48 -9.30
N PHE C 120 3.51 9.58 -9.24
CA PHE C 120 4.19 9.85 -7.99
C PHE C 120 4.58 11.31 -7.96
N GLY C 121 4.61 11.85 -6.76
CA GLY C 121 5.17 13.17 -6.54
C GLY C 121 6.68 13.05 -6.62
N GLY C 122 7.35 14.18 -6.80
CA GLY C 122 8.82 14.20 -6.88
C GLY C 122 9.56 13.98 -5.57
N GLY C 123 8.84 13.93 -4.47
CA GLY C 123 9.45 13.76 -3.15
C GLY C 123 9.80 15.07 -2.45
N THR C 124 9.83 15.01 -1.12
CA THR C 124 10.21 16.12 -0.27
C THR C 124 11.17 15.62 0.81
N LYS C 125 12.34 16.24 0.93
CA LYS C 125 13.31 15.86 1.98
C LYS C 125 12.97 16.65 3.24
N LEU C 126 12.84 15.96 4.37
CA LEU C 126 12.53 16.63 5.63
C LEU C 126 13.76 16.87 6.46
N THR C 127 14.01 18.15 6.79
CA THR C 127 15.12 18.52 7.65
C THR C 127 14.61 19.05 9.01
N VAL C 128 14.91 18.34 10.10
CA VAL C 128 14.62 18.70 11.48
C VAL C 128 15.75 19.63 11.98
N LEU C 129 15.40 20.83 12.45
CA LEU C 129 16.40 21.79 12.88
C LEU C 129 16.93 21.58 14.31
N GLY C 130 17.95 22.35 14.68
CA GLY C 130 18.54 22.32 16.00
C GLY C 130 19.40 21.12 16.30
N GLN C 131 19.87 20.44 15.26
CA GLN C 131 20.72 19.29 15.46
C GLN C 131 22.12 19.76 15.85
N PRO C 132 22.65 19.24 16.96
CA PRO C 132 23.97 19.71 17.41
C PRO C 132 25.07 19.43 16.39
N LYS C 133 26.03 20.36 16.29
CA LYS C 133 27.19 20.21 15.41
C LYS C 133 27.97 18.96 15.81
N ALA C 134 28.52 18.27 14.82
CA ALA C 134 29.26 17.05 15.09
C ALA C 134 30.50 16.99 14.22
N ALA C 135 31.66 16.79 14.87
CA ALA C 135 32.93 16.73 14.17
C ALA C 135 33.15 15.38 13.50
N PRO C 136 33.70 15.40 12.28
CA PRO C 136 33.95 14.14 11.58
C PRO C 136 34.90 13.21 12.31
N SER C 137 34.67 11.91 12.18
CA SER C 137 35.54 10.85 12.67
C SER C 137 36.28 10.43 11.40
N VAL C 138 37.60 10.66 11.35
CA VAL C 138 38.42 10.41 10.17
C VAL C 138 39.42 9.25 10.37
N THR C 139 39.51 8.36 9.37
CA THR C 139 40.43 7.23 9.40
C THR C 139 41.10 7.12 8.06
N LEU C 140 42.44 7.14 8.04
CA LEU C 140 43.23 7.08 6.83
C LEU C 140 44.05 5.79 6.75
N PHE C 141 43.85 5.03 5.68
CA PHE C 141 44.56 3.78 5.46
C PHE C 141 45.60 3.88 4.36
N PRO C 142 46.76 3.22 4.55
CA PRO C 142 47.76 3.17 3.47
C PRO C 142 47.53 1.97 2.51
N PRO C 143 48.21 1.89 1.34
CA PRO C 143 48.05 0.72 0.45
C PRO C 143 48.41 -0.60 1.14
N SER C 144 47.62 -1.64 0.87
CA SER C 144 47.69 -2.97 1.49
C SER C 144 48.91 -3.82 1.05
N SER C 145 49.13 -5.00 1.68
CA SER C 145 50.20 -5.95 1.31
C SER C 145 49.92 -6.39 -0.12
N GLU C 146 48.70 -6.96 -0.36
CA GLU C 146 48.21 -7.20 -1.71
C GLU C 146 47.97 -5.79 -2.32
N GLU C 147 47.75 -5.67 -3.63
CA GLU C 147 47.63 -4.35 -4.26
C GLU C 147 49.04 -3.85 -4.43
N LEU C 148 49.85 -3.73 -3.35
CA LEU C 148 51.25 -3.38 -3.49
C LEU C 148 51.94 -4.58 -4.15
N GLN C 149 51.71 -5.79 -3.60
CA GLN C 149 52.17 -7.06 -4.19
C GLN C 149 51.56 -7.25 -5.60
N ALA C 150 50.43 -6.58 -5.90
CA ALA C 150 49.76 -6.65 -7.19
C ALA C 150 49.97 -5.39 -8.05
N ASN C 151 51.10 -4.67 -7.87
CA ASN C 151 51.50 -3.50 -8.66
C ASN C 151 50.40 -2.41 -8.74
N LYS C 152 49.90 -2.02 -7.57
CA LYS C 152 48.86 -0.99 -7.35
C LYS C 152 49.10 -0.29 -5.99
N ALA C 153 48.38 0.83 -5.75
CA ALA C 153 48.48 1.61 -4.50
C ALA C 153 47.36 2.68 -4.39
N THR C 154 46.55 2.61 -3.32
CA THR C 154 45.49 3.60 -3.13
C THR C 154 45.29 3.94 -1.65
N LEU C 155 45.09 5.23 -1.39
CA LEU C 155 44.87 5.77 -0.05
C LEU C 155 43.37 5.94 0.20
N VAL C 156 42.90 5.39 1.31
CA VAL C 156 41.49 5.41 1.69
C VAL C 156 41.28 6.30 2.91
N CYS C 157 40.53 7.39 2.73
CA CYS C 157 40.21 8.31 3.82
C CYS C 157 38.70 8.22 4.10
N LEU C 158 38.35 7.57 5.20
CA LEU C 158 36.97 7.36 5.57
C LEU C 158 36.52 8.38 6.58
N ILE C 159 35.43 9.06 6.26
CA ILE C 159 34.92 10.19 7.04
C ILE C 159 33.51 9.91 7.47
N SER C 160 33.26 9.93 8.77
CA SER C 160 31.92 9.59 9.26
C SER C 160 31.45 10.43 10.44
N ASP C 161 30.13 10.45 10.67
CA ASP C 161 29.49 11.08 11.82
C ASP C 161 29.59 12.60 11.91
N PHE C 162 29.79 13.26 10.77
CA PHE C 162 29.80 14.75 10.75
C PHE C 162 28.36 15.21 10.54
N TYR C 163 27.80 15.95 11.50
CA TYR C 163 26.36 16.34 11.38
C TYR C 163 26.20 17.34 10.22
N PRO C 164 26.77 18.56 10.26
CA PRO C 164 26.68 19.47 9.11
C PRO C 164 27.17 18.64 7.92
N GLY C 165 26.28 18.31 6.99
CA GLY C 165 26.64 17.40 5.88
C GLY C 165 27.47 18.07 4.81
N ALA C 166 28.58 18.72 5.18
CA ALA C 166 29.48 19.31 4.18
C ALA C 166 30.92 19.14 4.64
N VAL C 167 31.81 18.72 3.73
CA VAL C 167 33.25 18.61 4.09
C VAL C 167 34.12 18.93 2.89
N THR C 168 35.29 19.50 3.14
CA THR C 168 36.28 19.79 2.12
C THR C 168 37.43 18.83 2.42
N VAL C 169 37.95 18.16 1.40
CA VAL C 169 39.05 17.23 1.62
C VAL C 169 40.29 17.65 0.83
N ALA C 170 41.44 17.68 1.52
CA ALA C 170 42.71 18.03 0.93
C ALA C 170 43.68 16.88 1.15
N TRP C 171 44.53 16.60 0.17
CA TRP C 171 45.51 15.55 0.30
C TRP C 171 46.92 16.13 0.24
N LYS C 172 47.81 15.64 1.10
CA LYS C 172 49.18 16.13 1.15
C LYS C 172 50.17 14.97 1.03
N ALA C 173 51.30 15.25 0.40
CA ALA C 173 52.36 14.26 0.26
C ALA C 173 53.63 14.97 0.74
N ASP C 174 54.06 14.65 1.97
CA ASP C 174 55.20 15.30 2.63
C ASP C 174 54.99 16.81 2.70
N SER C 175 53.74 17.21 2.99
CA SER C 175 53.24 18.59 3.13
C SER C 175 52.98 19.31 1.81
N SER C 176 53.20 18.64 0.66
CA SER C 176 52.95 19.28 -0.64
C SER C 176 51.55 18.93 -1.13
N PRO C 177 50.78 19.93 -1.58
CA PRO C 177 49.42 19.67 -2.05
C PRO C 177 49.35 18.63 -3.17
N VAL C 178 48.41 17.70 -3.06
CA VAL C 178 48.20 16.67 -4.07
C VAL C 178 47.01 17.12 -4.90
N LYS C 179 47.21 17.33 -6.20
CA LYS C 179 46.15 17.79 -7.07
C LYS C 179 45.67 16.74 -8.08
N ALA C 180 46.31 15.57 -8.13
CA ALA C 180 45.94 14.55 -9.09
C ALA C 180 45.70 13.20 -8.45
N GLY C 181 44.70 12.50 -8.98
CA GLY C 181 44.34 11.15 -8.55
C GLY C 181 43.41 11.09 -7.36
N VAL C 182 42.70 12.17 -7.09
CA VAL C 182 41.80 12.24 -5.96
C VAL C 182 40.33 12.19 -6.41
N GLU C 183 39.58 11.22 -5.86
CA GLU C 183 38.16 11.02 -6.12
C GLU C 183 37.42 10.99 -4.77
N THR C 184 36.55 11.97 -4.54
CA THR C 184 35.79 12.03 -3.28
C THR C 184 34.28 11.83 -3.51
N THR C 185 33.62 11.10 -2.59
CA THR C 185 32.19 10.90 -2.68
C THR C 185 31.45 12.11 -2.14
N THR C 186 30.18 12.24 -2.54
CA THR C 186 29.28 13.22 -1.99
C THR C 186 28.90 12.67 -0.60
N PRO C 187 28.62 13.56 0.36
CA PRO C 187 28.22 13.07 1.69
C PRO C 187 26.89 12.33 1.63
N SER C 188 26.70 11.39 2.55
CA SER C 188 25.52 10.55 2.54
C SER C 188 24.91 10.41 3.91
N LYS C 189 23.58 10.47 3.99
CA LYS C 189 22.85 10.39 5.23
C LYS C 189 22.95 9.01 5.85
N GLN C 190 23.41 8.97 7.09
CA GLN C 190 23.51 7.73 7.85
C GLN C 190 22.15 7.46 8.52
N SER C 191 22.00 6.29 9.16
CA SER C 191 20.77 5.98 9.89
C SER C 191 20.64 6.95 11.10
N ASN C 192 21.77 7.31 11.74
CA ASN C 192 21.78 8.16 12.91
C ASN C 192 21.64 9.66 12.62
N ASN C 193 21.26 10.03 11.40
CA ASN C 193 21.05 11.44 10.98
C ASN C 193 22.32 12.20 10.64
N LYS C 194 23.50 11.64 10.93
CA LYS C 194 24.76 12.28 10.59
C LYS C 194 25.15 11.91 9.14
N TYR C 195 26.34 12.33 8.69
CA TYR C 195 26.76 12.09 7.32
C TYR C 195 28.05 11.29 7.20
N ALA C 196 28.26 10.69 6.03
CA ALA C 196 29.46 9.91 5.76
C ALA C 196 29.98 10.27 4.39
N ALA C 197 31.27 10.24 4.23
CA ALA C 197 31.91 10.46 2.94
C ALA C 197 33.26 9.75 2.93
N SER C 198 33.77 9.47 1.74
CA SER C 198 35.06 8.84 1.61
C SER C 198 35.83 9.49 0.48
N SER C 199 37.15 9.60 0.64
CA SER C 199 38.02 10.17 -0.38
C SER C 199 39.14 9.20 -0.69
N TYR C 200 39.44 9.05 -1.98
CA TYR C 200 40.43 8.11 -2.47
C TYR C 200 41.50 8.82 -3.26
N LEU C 201 42.76 8.42 -3.04
CA LEU C 201 43.91 8.93 -3.79
C LEU C 201 44.62 7.75 -4.42
N SER C 202 44.70 7.71 -5.75
CA SER C 202 45.37 6.62 -6.46
C SER C 202 46.79 7.01 -6.81
N LEU C 203 47.73 6.07 -6.67
CA LEU C 203 49.14 6.30 -6.96
C LEU C 203 49.80 4.99 -7.45
N THR C 204 50.99 5.10 -8.05
CA THR C 204 51.75 3.92 -8.44
C THR C 204 52.50 3.49 -7.19
N PRO C 205 52.73 2.17 -6.99
CA PRO C 205 53.45 1.74 -5.78
C PRO C 205 54.85 2.36 -5.62
N GLU C 206 55.44 2.89 -6.71
CA GLU C 206 56.71 3.60 -6.63
C GLU C 206 56.50 4.96 -5.95
N GLN C 207 55.37 5.62 -6.25
CA GLN C 207 55.02 6.93 -5.68
C GLN C 207 54.79 6.84 -4.17
N TRP C 208 54.18 5.75 -3.70
CA TRP C 208 53.96 5.59 -2.26
C TRP C 208 55.27 5.40 -1.49
N LYS C 209 56.23 4.71 -2.10
CA LYS C 209 57.54 4.46 -1.50
C LYS C 209 58.43 5.70 -1.51
N SER C 210 58.24 6.59 -2.50
CA SER C 210 59.03 7.80 -2.70
C SER C 210 58.75 8.94 -1.73
N HIS C 211 57.73 8.80 -0.87
CA HIS C 211 57.34 9.83 0.08
C HIS C 211 57.37 9.30 1.51
N ARG C 212 57.54 10.19 2.49
CA ARG C 212 57.61 9.80 3.89
C ARG C 212 56.24 9.83 4.58
N SER C 213 55.44 10.87 4.38
CA SER C 213 54.11 10.96 4.97
C SER C 213 53.08 11.47 3.98
N TYR C 214 51.89 10.87 4.03
CA TYR C 214 50.72 11.25 3.23
C TYR C 214 49.64 11.69 4.20
N SER C 215 49.00 12.80 3.91
CA SER C 215 48.02 13.40 4.78
C SER C 215 46.62 13.57 4.13
N CYS C 216 45.56 13.16 4.84
CA CYS C 216 44.17 13.43 4.42
C CYS C 216 43.66 14.50 5.36
N GLN C 217 43.26 15.65 4.82
CA GLN C 217 42.78 16.80 5.59
C GLN C 217 41.30 17.04 5.36
N VAL C 218 40.51 16.86 6.39
CA VAL C 218 39.06 17.03 6.29
C VAL C 218 38.61 18.28 7.02
N THR C 219 38.12 19.27 6.27
CA THR C 219 37.64 20.52 6.84
C THR C 219 36.12 20.51 6.95
N HIS C 220 35.62 20.82 8.14
CA HIS C 220 34.21 20.83 8.43
C HIS C 220 33.94 21.93 9.45
N GLU C 221 33.03 22.87 9.13
CA GLU C 221 32.65 23.99 10.00
C GLU C 221 33.88 24.81 10.44
N GLY C 222 34.70 25.21 9.48
CA GLY C 222 35.90 26.00 9.75
C GLY C 222 37.03 25.29 10.46
N SER C 223 36.78 24.07 10.97
CA SER C 223 37.76 23.28 11.70
C SER C 223 38.30 22.15 10.83
N THR C 224 39.60 21.83 10.99
CA THR C 224 40.23 20.81 10.17
C THR C 224 40.79 19.64 10.97
N VAL C 225 40.33 18.44 10.67
CA VAL C 225 40.82 17.19 11.26
C VAL C 225 41.84 16.63 10.28
N GLU C 226 43.00 16.20 10.77
CA GLU C 226 44.03 15.66 9.90
C GLU C 226 44.43 14.25 10.31
N LYS C 227 44.74 13.42 9.33
CA LYS C 227 45.21 12.05 9.51
C LYS C 227 46.40 11.85 8.57
N THR C 228 47.43 11.12 9.02
CA THR C 228 48.62 10.89 8.21
C THR C 228 49.04 9.42 8.20
N VAL C 229 49.65 8.97 7.10
CA VAL C 229 50.17 7.61 6.93
C VAL C 229 51.58 7.63 6.36
N ALA C 230 52.37 6.60 6.67
CA ALA C 230 53.75 6.52 6.21
C ALA C 230 54.11 5.14 5.69
N PRO C 231 54.93 5.07 4.64
CA PRO C 231 55.36 3.75 4.14
C PRO C 231 56.45 3.10 5.00
#